data_1EK6
#
_entry.id   1EK6
#
_cell.length_a   74.700
_cell.length_b   86.900
_cell.length_c   95.300
_cell.angle_alpha   90.00
_cell.angle_beta   90.00
_cell.angle_gamma   90.00
#
_symmetry.space_group_name_H-M   'P 21 21 21'
#
loop_
_entity.id
_entity.type
_entity.pdbx_description
1 polymer 'UDP-GALACTOSE 4-EPIMERASE'
2 non-polymer 'MAGNESIUM ION'
3 non-polymer '1,4-DIHYDRONICOTINAMIDE ADENINE DINUCLEOTIDE'
4 non-polymer "URIDINE-5'-DIPHOSPHATE-GLUCOSE"
5 non-polymer 'TETRAMETHYLAMMONIUM ION'
6 water water
#
_entity_poly.entity_id   1
_entity_poly.type   'polypeptide(L)'
_entity_poly.pdbx_seq_one_letter_code
;MAEKVLVTGGAGYIGSHTVLELLEAGYLPVVIDNFHNAFRGGGSLPESLRRVQELTGRSVEFEEMDILDQGALQRLFKKY
SFMAVIHFAGLKAVGESVQKPLDYYRVNLTGTIQLLEIMKAHGVKNLVFSSSATVYGNPQYLPLDEAHPTGGCTNPYGKS
KFFIEEMIRDLCQADKTWNAVLLRYFNPTGAHASGCIGEDPQGIPNNLMPYVSQVAIGRREALNVFGNDYDTEDGTGVRD
YIHVVDLAKGHIAALRKLKEQCGCRIYNLGTGTGYSVLQMVQAMEKASGKKIPYKVVARREGDVAACYANPSLAQEELGW
TAALGLDRMCEDLWRWQKQNPSGFGTQA
;
_entity_poly.pdbx_strand_id   A,B
#
# COMPACT_ATOMS: atom_id res chain seq x y z
N MET A 1 -27.48 19.26 -11.74
CA MET A 1 -26.17 18.83 -12.18
C MET A 1 -25.02 19.84 -11.97
N ALA A 2 -25.22 20.92 -11.22
CA ALA A 2 -24.11 21.86 -11.09
C ALA A 2 -22.75 21.33 -10.57
N GLU A 3 -22.71 20.35 -9.63
CA GLU A 3 -21.40 19.86 -9.17
C GLU A 3 -20.70 19.07 -10.24
N LYS A 4 -19.37 19.02 -10.16
CA LYS A 4 -18.56 18.32 -11.16
C LYS A 4 -18.15 16.91 -10.76
N VAL A 5 -17.72 16.15 -11.78
CA VAL A 5 -17.19 14.80 -11.56
C VAL A 5 -15.72 14.90 -11.96
N LEU A 6 -14.80 14.62 -11.04
CA LEU A 6 -13.39 14.65 -11.38
C LEU A 6 -13.05 13.30 -11.98
N VAL A 7 -12.34 13.32 -13.11
CA VAL A 7 -11.92 12.08 -13.74
C VAL A 7 -10.43 12.11 -13.86
N THR A 8 -9.70 11.36 -13.05
CA THR A 8 -8.23 11.30 -13.17
C THR A 8 -7.85 10.34 -14.29
N GLY A 9 -6.75 10.63 -15.01
CA GLY A 9 -6.28 9.77 -16.13
C GLY A 9 -7.33 9.71 -17.22
N GLY A 10 -8.16 10.77 -17.31
CA GLY A 10 -9.25 10.81 -18.27
C GLY A 10 -8.86 10.90 -19.74
N ALA A 11 -7.59 11.13 -20.08
CA ALA A 11 -7.18 11.22 -21.49
C ALA A 11 -6.85 9.86 -22.05
N GLY A 12 -6.77 8.89 -21.15
CA GLY A 12 -6.42 7.54 -21.53
C GLY A 12 -7.54 6.75 -22.20
N TYR A 13 -7.22 5.47 -22.42
CA TYR A 13 -8.16 4.61 -23.11
C TYR A 13 -9.56 4.52 -22.49
N ILE A 14 -9.65 3.92 -21.31
CA ILE A 14 -10.92 3.75 -20.66
C ILE A 14 -11.51 5.08 -20.19
N GLY A 15 -10.60 5.97 -19.74
CA GLY A 15 -11.02 7.28 -19.25
C GLY A 15 -11.69 8.11 -20.34
N SER A 16 -11.08 8.19 -21.51
CA SER A 16 -11.70 8.99 -22.61
C SER A 16 -13.11 8.47 -22.94
N HIS A 17 -13.25 7.13 -23.01
CA HIS A 17 -14.56 6.58 -23.29
C HIS A 17 -15.54 6.91 -22.18
N THR A 18 -15.03 6.94 -20.95
CA THR A 18 -15.88 7.24 -19.84
C THR A 18 -16.34 8.69 -19.84
N VAL A 19 -15.40 9.58 -20.19
CA VAL A 19 -15.70 10.99 -20.28
C VAL A 19 -16.85 11.21 -21.27
N LEU A 20 -16.75 10.54 -22.42
CA LEU A 20 -17.81 10.63 -23.44
C LEU A 20 -19.16 10.20 -22.84
N GLU A 21 -19.21 9.01 -22.16
CA GLU A 21 -20.45 8.54 -21.54
C GLU A 21 -20.98 9.52 -20.49
N LEU A 22 -20.08 10.07 -19.66
CA LEU A 22 -20.50 11.04 -18.66
C LEU A 22 -21.19 12.23 -19.32
N LEU A 23 -20.61 12.77 -20.39
CA LEU A 23 -21.19 13.90 -21.08
C LEU A 23 -22.56 13.58 -21.63
N GLU A 24 -22.64 12.45 -22.29
CA GLU A 24 -23.89 12.05 -22.86
C GLU A 24 -24.94 11.78 -21.81
N ALA A 25 -24.51 11.38 -20.63
CA ALA A 25 -25.45 11.09 -19.57
C ALA A 25 -25.78 12.37 -18.76
N GLY A 26 -25.23 13.52 -19.16
CA GLY A 26 -25.53 14.77 -18.47
C GLY A 26 -24.63 15.19 -17.31
N TYR A 27 -23.55 14.48 -17.09
CA TYR A 27 -22.67 14.89 -16.03
C TYR A 27 -21.71 15.95 -16.58
N LEU A 28 -21.01 16.63 -15.65
CA LEU A 28 -20.04 17.68 -15.94
C LEU A 28 -18.67 17.26 -15.47
N PRO A 29 -17.88 16.70 -16.40
CA PRO A 29 -16.56 16.23 -16.05
C PRO A 29 -15.48 17.28 -16.07
N VAL A 30 -14.52 17.07 -15.19
CA VAL A 30 -13.33 17.86 -15.12
C VAL A 30 -12.27 16.78 -15.18
N VAL A 31 -11.43 16.80 -16.21
CA VAL A 31 -10.42 15.79 -16.39
C VAL A 31 -9.01 16.29 -16.12
N ILE A 32 -8.20 15.43 -15.50
CA ILE A 32 -6.80 15.68 -15.26
C ILE A 32 -5.98 14.51 -15.82
N ASP A 33 -4.79 14.80 -16.32
CA ASP A 33 -3.90 13.81 -16.88
C ASP A 33 -2.55 14.47 -17.07
N ASN A 34 -1.49 13.67 -16.91
CA ASN A 34 -0.14 14.15 -17.05
C ASN A 34 0.48 13.73 -18.37
N PHE A 35 -0.25 13.10 -19.26
CA PHE A 35 0.29 12.69 -20.56
C PHE A 35 1.29 11.57 -20.52
N HIS A 36 1.35 10.87 -19.38
CA HIS A 36 2.28 9.77 -19.23
C HIS A 36 2.05 8.70 -20.30
N ASN A 37 0.78 8.43 -20.58
CA ASN A 37 0.42 7.41 -21.57
C ASN A 37 -0.74 7.85 -22.42
N ALA A 38 -0.80 9.16 -22.68
CA ALA A 38 -1.85 9.76 -23.51
C ALA A 38 -1.21 10.74 -24.48
N PHE A 39 -1.80 10.87 -25.67
CA PHE A 39 -1.27 11.71 -26.72
C PHE A 39 -1.73 13.15 -26.64
N ARG A 40 -0.73 14.03 -26.71
CA ARG A 40 -0.96 15.46 -26.67
C ARG A 40 -1.66 15.95 -27.90
N GLY A 41 -2.74 16.68 -27.68
CA GLY A 41 -3.49 17.24 -28.78
C GLY A 41 -2.70 18.36 -29.45
N GLY A 42 -3.33 18.93 -30.46
CA GLY A 42 -2.68 20.01 -31.16
C GLY A 42 -2.76 21.27 -30.31
N GLY A 43 -3.85 21.37 -29.57
CA GLY A 43 -4.08 22.49 -28.71
C GLY A 43 -3.82 22.10 -27.27
N SER A 44 -4.64 22.58 -26.38
CA SER A 44 -4.51 22.29 -24.98
C SER A 44 -5.01 20.89 -24.56
N LEU A 45 -6.18 20.51 -25.06
CA LEU A 45 -6.76 19.22 -24.78
C LEU A 45 -5.99 18.08 -25.40
N PRO A 46 -6.07 16.93 -24.77
CA PRO A 46 -5.45 15.78 -25.35
C PRO A 46 -6.31 15.46 -26.56
N GLU A 47 -5.69 14.83 -27.55
CA GLU A 47 -6.40 14.48 -28.76
C GLU A 47 -7.68 13.71 -28.51
N SER A 48 -7.60 12.73 -27.64
CA SER A 48 -8.75 11.91 -27.32
C SER A 48 -9.91 12.73 -26.87
N LEU A 49 -9.62 13.72 -26.02
CA LEU A 49 -10.67 14.58 -25.46
C LEU A 49 -11.23 15.60 -26.44
N ARG A 50 -10.35 16.06 -27.32
CA ARG A 50 -10.72 16.98 -28.38
C ARG A 50 -11.76 16.22 -29.21
N ARG A 51 -11.44 14.95 -29.52
CA ARG A 51 -12.44 14.21 -30.29
C ARG A 51 -13.73 13.94 -29.56
N VAL A 52 -13.65 13.68 -28.26
CA VAL A 52 -14.86 13.42 -27.48
C VAL A 52 -15.77 14.67 -27.54
N GLN A 53 -15.12 15.86 -27.50
CA GLN A 53 -15.90 17.10 -27.58
C GLN A 53 -16.67 17.15 -28.89
N GLU A 54 -16.01 16.80 -30.01
CA GLU A 54 -16.69 16.83 -31.29
C GLU A 54 -17.77 15.77 -31.41
N LEU A 55 -17.50 14.60 -30.85
CA LEU A 55 -18.51 13.56 -30.91
C LEU A 55 -19.76 13.87 -30.10
N THR A 56 -19.62 14.63 -29.01
CA THR A 56 -20.77 14.89 -28.16
C THR A 56 -21.36 16.28 -28.30
N GLY A 57 -20.59 17.21 -28.86
CA GLY A 57 -21.09 18.59 -28.99
C GLY A 57 -21.11 19.26 -27.63
N ARG A 58 -20.44 18.63 -26.65
CA ARG A 58 -20.32 19.09 -25.27
C ARG A 58 -18.88 19.38 -24.90
N SER A 59 -18.71 20.20 -23.87
CA SER A 59 -17.38 20.60 -23.44
C SER A 59 -16.83 19.79 -22.31
N VAL A 60 -15.49 19.69 -22.34
CA VAL A 60 -14.75 18.97 -21.33
C VAL A 60 -13.72 19.91 -20.72
N GLU A 61 -13.84 20.10 -19.41
CA GLU A 61 -12.90 20.91 -18.69
C GLU A 61 -11.69 20.01 -18.44
N PHE A 62 -10.50 20.56 -18.71
CA PHE A 62 -9.30 19.78 -18.57
C PHE A 62 -8.14 20.54 -17.97
N GLU A 63 -7.37 19.87 -17.12
CA GLU A 63 -6.18 20.44 -16.51
C GLU A 63 -5.03 19.46 -16.60
N GLU A 64 -3.93 19.93 -17.17
CA GLU A 64 -2.76 19.07 -17.28
C GLU A 64 -2.04 19.06 -15.94
N MET A 65 -1.98 17.90 -15.28
CA MET A 65 -1.35 17.82 -13.99
C MET A 65 -1.08 16.41 -13.58
N ASP A 66 -0.19 16.26 -12.61
CA ASP A 66 0.19 14.96 -12.07
C ASP A 66 -0.49 14.76 -10.70
N ILE A 67 -1.07 13.57 -10.47
CA ILE A 67 -1.73 13.30 -9.21
C ILE A 67 -0.76 13.34 -8.03
N LEU A 68 0.53 13.21 -8.35
CA LEU A 68 1.57 13.26 -7.36
C LEU A 68 1.84 14.72 -6.96
N ASP A 69 1.26 15.70 -7.67
CA ASP A 69 1.49 17.11 -7.36
C ASP A 69 0.42 17.59 -6.43
N GLN A 70 0.77 17.58 -5.15
CA GLN A 70 -0.15 17.96 -4.10
C GLN A 70 -0.65 19.37 -4.25
N GLY A 71 0.26 20.28 -4.62
CA GLY A 71 -0.12 21.68 -4.81
C GLY A 71 -1.22 21.85 -5.86
N ALA A 72 -1.03 21.22 -7.04
CA ALA A 72 -2.02 21.30 -8.11
C ALA A 72 -3.34 20.64 -7.72
N LEU A 73 -3.25 19.49 -7.05
CA LEU A 73 -4.45 18.81 -6.63
C LEU A 73 -5.26 19.65 -5.64
N GLN A 74 -4.54 20.24 -4.67
CA GLN A 74 -5.16 21.11 -3.66
C GLN A 74 -5.84 22.29 -4.31
N ARG A 75 -5.17 22.92 -5.32
CA ARG A 75 -5.75 24.05 -6.05
C ARG A 75 -7.03 23.63 -6.81
N LEU A 76 -6.94 22.45 -7.42
CA LEU A 76 -8.04 21.90 -8.18
C LEU A 76 -9.33 21.79 -7.38
N PHE A 77 -9.18 21.24 -6.17
CA PHE A 77 -10.30 21.05 -5.26
C PHE A 77 -10.86 22.37 -4.71
N LYS A 78 -10.06 23.44 -4.83
CA LYS A 78 -10.50 24.76 -4.43
C LYS A 78 -11.22 25.42 -5.61
N LYS A 79 -10.70 25.15 -6.80
CA LYS A 79 -11.26 25.70 -8.02
C LYS A 79 -12.63 25.18 -8.37
N TYR A 80 -12.83 23.88 -8.16
CA TYR A 80 -14.10 23.24 -8.46
C TYR A 80 -14.74 22.52 -7.30
N SER A 81 -16.04 22.38 -7.43
CA SER A 81 -16.87 21.64 -6.49
C SER A 81 -17.12 20.25 -7.09
N PHE A 82 -16.56 19.24 -6.48
CA PHE A 82 -16.76 17.91 -7.02
C PHE A 82 -17.74 17.15 -6.19
N MET A 83 -18.59 16.38 -6.85
CA MET A 83 -19.53 15.55 -6.14
C MET A 83 -18.99 14.12 -6.07
N ALA A 84 -18.01 13.79 -6.92
CA ALA A 84 -17.44 12.44 -6.96
C ALA A 84 -16.17 12.45 -7.80
N VAL A 85 -15.41 11.41 -7.62
CA VAL A 85 -14.16 11.26 -8.31
C VAL A 85 -14.06 9.86 -8.92
N ILE A 86 -13.69 9.79 -10.19
CA ILE A 86 -13.46 8.52 -10.90
C ILE A 86 -11.96 8.50 -11.17
N HIS A 87 -11.30 7.54 -10.57
CA HIS A 87 -9.87 7.44 -10.58
C HIS A 87 -9.25 6.39 -11.50
N PHE A 88 -8.90 6.88 -12.71
CA PHE A 88 -8.27 6.01 -13.70
C PHE A 88 -6.76 6.14 -13.73
N ALA A 89 -6.23 7.29 -13.28
CA ALA A 89 -4.79 7.54 -13.35
C ALA A 89 -3.91 6.49 -12.69
N GLY A 90 -2.87 6.08 -13.40
CA GLY A 90 -1.94 5.12 -12.89
C GLY A 90 -1.09 4.53 -14.03
N LEU A 91 -0.10 3.73 -13.62
CA LEU A 91 0.83 2.98 -14.46
C LEU A 91 0.25 1.58 -14.59
N LYS A 92 0.32 1.00 -15.78
CA LYS A 92 -0.26 -0.33 -15.93
C LYS A 92 0.58 -1.35 -16.71
N ALA A 93 1.83 -1.03 -17.05
CA ALA A 93 2.66 -2.01 -17.80
C ALA A 93 3.14 -3.09 -16.84
N VAL A 94 2.44 -4.23 -16.81
CA VAL A 94 2.79 -5.32 -15.91
C VAL A 94 4.26 -5.72 -15.93
N GLY A 95 4.80 -5.92 -17.13
CA GLY A 95 6.18 -6.33 -17.28
C GLY A 95 7.15 -5.29 -16.70
N GLU A 96 6.93 -4.03 -17.05
CA GLU A 96 7.80 -3.00 -16.52
C GLU A 96 7.69 -3.00 -14.99
N SER A 97 6.49 -3.32 -14.46
CA SER A 97 6.27 -3.35 -12.99
C SER A 97 7.18 -4.31 -12.26
N VAL A 98 7.42 -5.44 -12.87
CA VAL A 98 8.27 -6.42 -12.24
C VAL A 98 9.70 -5.89 -12.18
N GLN A 99 10.07 -5.02 -13.14
CA GLN A 99 11.40 -4.45 -13.17
C GLN A 99 11.56 -3.12 -12.40
N LYS A 100 10.51 -2.29 -12.35
CA LYS A 100 10.51 -0.97 -11.70
C LYS A 100 9.40 -0.88 -10.63
N PRO A 101 9.44 -1.78 -9.63
CA PRO A 101 8.43 -1.83 -8.60
C PRO A 101 8.13 -0.51 -7.93
N LEU A 102 9.19 0.23 -7.54
CA LEU A 102 8.94 1.49 -6.86
C LEU A 102 8.18 2.50 -7.72
N ASP A 103 8.38 2.45 -9.04
CA ASP A 103 7.65 3.39 -9.86
C ASP A 103 6.16 3.13 -9.75
N TYR A 104 5.83 1.85 -9.69
CA TYR A 104 4.45 1.36 -9.56
C TYR A 104 3.85 1.73 -8.20
N TYR A 105 4.64 1.54 -7.16
CA TYR A 105 4.20 1.88 -5.82
C TYR A 105 4.07 3.36 -5.65
N ARG A 106 5.03 4.12 -6.20
CA ARG A 106 4.94 5.55 -6.11
C ARG A 106 3.69 6.10 -6.81
N VAL A 107 3.58 5.83 -8.11
CA VAL A 107 2.47 6.35 -8.84
C VAL A 107 1.11 5.85 -8.40
N ASN A 108 0.97 4.55 -8.30
CA ASN A 108 -0.31 3.98 -7.95
C ASN A 108 -0.70 4.15 -6.49
N LEU A 109 0.22 3.79 -5.60
CA LEU A 109 -0.09 3.88 -4.18
C LEU A 109 -0.08 5.31 -3.65
N THR A 110 1.12 5.93 -3.75
CA THR A 110 1.25 7.30 -3.27
C THR A 110 0.27 8.23 -3.97
N GLY A 111 0.14 8.05 -5.30
CA GLY A 111 -0.79 8.87 -6.05
C GLY A 111 -2.20 8.75 -5.51
N THR A 112 -2.66 7.54 -5.23
CA THR A 112 -4.00 7.33 -4.72
C THR A 112 -4.18 7.88 -3.31
N ILE A 113 -3.18 7.62 -2.48
CA ILE A 113 -3.23 8.10 -1.09
C ILE A 113 -3.36 9.62 -1.09
N GLN A 114 -2.56 10.30 -1.91
CA GLN A 114 -2.68 11.76 -1.98
C GLN A 114 -4.04 12.21 -2.40
N LEU A 115 -4.54 11.57 -3.46
CA LEU A 115 -5.88 11.89 -3.94
C LEU A 115 -6.94 11.70 -2.85
N LEU A 116 -6.87 10.56 -2.15
CA LEU A 116 -7.85 10.30 -1.10
C LEU A 116 -7.79 11.35 0.01
N GLU A 117 -6.55 11.74 0.37
CA GLU A 117 -6.33 12.75 1.41
C GLU A 117 -6.89 14.10 1.00
N ILE A 118 -6.64 14.51 -0.24
CA ILE A 118 -7.18 15.79 -0.70
C ILE A 118 -8.69 15.77 -0.78
N MET A 119 -9.24 14.61 -1.23
CA MET A 119 -10.67 14.46 -1.31
C MET A 119 -11.27 14.67 0.08
N LYS A 120 -10.70 13.95 1.03
CA LYS A 120 -11.16 14.04 2.42
C LYS A 120 -11.14 15.49 2.97
N ALA A 121 -10.02 16.16 2.73
CA ALA A 121 -9.81 17.54 3.17
C ALA A 121 -10.85 18.49 2.64
N HIS A 122 -11.40 18.18 1.47
CA HIS A 122 -12.40 19.03 0.86
C HIS A 122 -13.80 18.49 1.00
N GLY A 123 -13.95 17.46 1.83
CA GLY A 123 -15.28 16.91 2.05
C GLY A 123 -15.86 16.10 0.91
N VAL A 124 -15.01 15.66 -0.04
CA VAL A 124 -15.48 14.86 -1.18
C VAL A 124 -15.23 13.38 -0.80
N LYS A 125 -16.32 12.65 -0.57
CA LYS A 125 -16.19 11.27 -0.12
C LYS A 125 -16.93 10.24 -0.96
N ASN A 126 -16.95 10.49 -2.27
CA ASN A 126 -17.61 9.63 -3.24
C ASN A 126 -16.58 9.27 -4.31
N LEU A 127 -16.24 7.98 -4.40
CA LEU A 127 -15.21 7.53 -5.31
C LEU A 127 -15.56 6.33 -6.14
N VAL A 128 -15.02 6.30 -7.37
CA VAL A 128 -15.14 5.15 -8.24
C VAL A 128 -13.68 4.84 -8.56
N PHE A 129 -13.26 3.59 -8.38
CA PHE A 129 -11.89 3.24 -8.62
C PHE A 129 -11.69 2.15 -9.68
N SER A 130 -10.66 2.35 -10.54
CA SER A 130 -10.25 1.41 -11.57
C SER A 130 -9.47 0.24 -10.97
N SER A 131 -10.18 -0.83 -10.63
CA SER A 131 -9.51 -2.00 -10.09
C SER A 131 -9.34 -3.04 -11.21
N SER A 132 -8.94 -4.27 -10.87
CA SER A 132 -8.71 -5.27 -11.90
C SER A 132 -8.89 -6.69 -11.43
N ALA A 133 -9.31 -7.57 -12.35
CA ALA A 133 -9.49 -8.99 -12.03
C ALA A 133 -8.17 -9.61 -11.52
N THR A 134 -7.02 -8.93 -11.76
CA THR A 134 -5.76 -9.41 -11.29
C THR A 134 -5.69 -9.54 -9.76
N VAL A 135 -6.51 -8.77 -9.05
CA VAL A 135 -6.51 -8.83 -7.57
C VAL A 135 -6.94 -10.19 -7.04
N TYR A 136 -7.59 -11.00 -7.88
CA TYR A 136 -8.03 -12.33 -7.43
C TYR A 136 -6.84 -13.30 -7.38
N GLY A 137 -5.69 -12.91 -7.93
CA GLY A 137 -4.52 -13.76 -7.96
C GLY A 137 -4.80 -14.90 -8.91
N ASN A 138 -4.05 -16.00 -8.84
CA ASN A 138 -4.35 -17.12 -9.74
C ASN A 138 -5.70 -17.69 -9.34
N PRO A 139 -6.62 -17.78 -10.28
CA PRO A 139 -7.96 -18.27 -9.98
C PRO A 139 -7.99 -19.63 -9.31
N GLN A 140 -8.80 -19.71 -8.25
CA GLN A 140 -8.99 -20.93 -7.45
C GLN A 140 -10.22 -21.71 -7.97
N TYR A 141 -11.06 -20.99 -8.72
CA TYR A 141 -12.26 -21.50 -9.35
C TYR A 141 -12.70 -20.48 -10.37
N LEU A 142 -13.55 -20.91 -11.30
CA LEU A 142 -14.10 -20.06 -12.37
C LEU A 142 -15.61 -20.32 -12.45
N PRO A 143 -16.43 -19.33 -12.78
CA PRO A 143 -16.01 -17.98 -13.04
C PRO A 143 -15.71 -17.30 -11.70
N LEU A 144 -14.99 -16.18 -11.77
CA LEU A 144 -14.57 -15.39 -10.60
C LEU A 144 -15.70 -14.48 -10.09
N ASP A 145 -16.17 -14.74 -8.86
CA ASP A 145 -17.18 -13.90 -8.22
C ASP A 145 -16.41 -13.01 -7.22
N GLU A 146 -17.04 -11.94 -6.79
CA GLU A 146 -16.42 -10.97 -5.91
C GLU A 146 -15.92 -11.54 -4.59
N ALA A 147 -16.53 -12.63 -4.21
CA ALA A 147 -16.18 -13.33 -2.99
C ALA A 147 -14.96 -14.22 -3.13
N HIS A 148 -14.48 -14.43 -4.35
CA HIS A 148 -13.26 -15.24 -4.49
C HIS A 148 -12.15 -14.48 -3.73
N PRO A 149 -11.23 -15.20 -3.12
CA PRO A 149 -10.18 -14.52 -2.38
C PRO A 149 -9.37 -13.53 -3.20
N THR A 150 -8.95 -12.43 -2.56
CA THR A 150 -8.13 -11.40 -3.19
C THR A 150 -6.77 -11.29 -2.50
N GLY A 151 -5.74 -10.91 -3.25
CA GLY A 151 -4.41 -10.79 -2.70
C GLY A 151 -3.57 -11.90 -3.31
N GLY A 152 -2.34 -12.03 -2.89
CA GLY A 152 -1.59 -13.09 -3.53
C GLY A 152 -1.26 -12.77 -4.99
N CYS A 153 -1.26 -11.47 -5.33
CA CYS A 153 -0.92 -11.01 -6.67
C CYS A 153 0.51 -11.38 -7.00
N THR A 154 0.77 -11.59 -8.26
CA THR A 154 2.09 -12.01 -8.70
C THR A 154 3.05 -10.94 -9.24
N ASN A 155 2.59 -9.70 -9.37
CA ASN A 155 3.49 -8.66 -9.88
C ASN A 155 3.16 -7.37 -9.14
N PRO A 156 4.07 -6.42 -9.16
CA PRO A 156 3.83 -5.18 -8.45
C PRO A 156 2.59 -4.44 -8.89
N TYR A 157 2.31 -4.50 -10.19
CA TYR A 157 1.15 -3.82 -10.70
C TYR A 157 -0.09 -4.38 -10.03
N GLY A 158 -0.21 -5.71 -10.08
CA GLY A 158 -1.36 -6.36 -9.47
C GLY A 158 -1.45 -6.11 -7.95
N LYS A 159 -0.29 -6.25 -7.28
CA LYS A 159 -0.23 -5.99 -5.84
C LYS A 159 -0.70 -4.55 -5.55
N SER A 160 -0.27 -3.58 -6.38
CA SER A 160 -0.66 -2.19 -6.16
C SER A 160 -2.18 -2.03 -6.22
N LYS A 161 -2.85 -2.68 -7.18
CA LYS A 161 -4.31 -2.60 -7.26
C LYS A 161 -4.97 -3.19 -6.01
N PHE A 162 -4.40 -4.30 -5.55
CA PHE A 162 -4.95 -5.00 -4.37
C PHE A 162 -4.78 -4.12 -3.12
N PHE A 163 -3.60 -3.51 -3.00
CA PHE A 163 -3.32 -2.62 -1.87
C PHE A 163 -4.28 -1.44 -1.86
N ILE A 164 -4.52 -0.87 -3.03
CA ILE A 164 -5.45 0.24 -3.12
C ILE A 164 -6.84 -0.18 -2.69
N GLU A 165 -7.29 -1.35 -3.13
CA GLU A 165 -8.61 -1.82 -2.72
C GLU A 165 -8.69 -1.90 -1.21
N GLU A 166 -7.65 -2.46 -0.61
CA GLU A 166 -7.61 -2.63 0.84
C GLU A 166 -7.66 -1.31 1.54
N MET A 167 -6.91 -0.34 1.03
CA MET A 167 -6.93 0.98 1.64
C MET A 167 -8.33 1.54 1.61
N ILE A 168 -8.98 1.45 0.46
CA ILE A 168 -10.30 2.01 0.33
C ILE A 168 -11.30 1.29 1.20
N ARG A 169 -11.16 -0.01 1.29
CA ARG A 169 -12.05 -0.80 2.10
C ARG A 169 -11.92 -0.36 3.57
N ASP A 170 -10.68 -0.09 3.97
CA ASP A 170 -10.36 0.34 5.34
C ASP A 170 -10.93 1.73 5.60
N LEU A 171 -10.83 2.61 4.62
CA LEU A 171 -11.34 3.97 4.76
C LEU A 171 -12.85 3.95 5.00
N CYS A 172 -13.56 3.11 4.20
CA CYS A 172 -14.99 2.94 4.26
C CYS A 172 -15.42 2.28 5.58
N GLN A 173 -14.65 1.30 6.01
CA GLN A 173 -15.00 0.64 7.24
C GLN A 173 -14.88 1.64 8.40
N ALA A 174 -13.85 2.50 8.34
CA ALA A 174 -13.61 3.50 9.36
C ALA A 174 -14.65 4.57 9.37
N ASP A 175 -14.97 5.08 8.19
CA ASP A 175 -15.92 6.16 8.04
C ASP A 175 -17.12 5.81 7.20
N LYS A 176 -18.23 5.64 7.88
CA LYS A 176 -19.46 5.29 7.23
C LYS A 176 -19.97 6.39 6.28
N THR A 177 -19.37 7.60 6.34
CA THR A 177 -19.79 8.67 5.43
C THR A 177 -19.17 8.55 4.03
N TRP A 178 -18.18 7.65 3.89
CA TRP A 178 -17.57 7.46 2.57
C TRP A 178 -18.34 6.42 1.76
N ASN A 179 -18.44 6.71 0.46
CA ASN A 179 -19.05 5.78 -0.47
C ASN A 179 -17.98 5.50 -1.53
N ALA A 180 -17.76 4.24 -1.87
CA ALA A 180 -16.75 3.94 -2.88
C ALA A 180 -17.13 2.69 -3.64
N VAL A 181 -17.04 2.77 -4.96
CA VAL A 181 -17.32 1.62 -5.81
C VAL A 181 -16.02 1.17 -6.46
N LEU A 182 -15.59 -0.01 -6.15
CA LEU A 182 -14.37 -0.59 -6.73
C LEU A 182 -14.82 -1.46 -7.88
N LEU A 183 -14.34 -1.11 -9.09
CA LEU A 183 -14.70 -1.83 -10.29
C LEU A 183 -13.55 -2.68 -10.78
N ARG A 184 -13.74 -3.99 -10.74
CA ARG A 184 -12.70 -4.91 -11.17
C ARG A 184 -12.84 -5.19 -12.65
N TYR A 185 -12.14 -4.43 -13.47
CA TYR A 185 -12.27 -4.67 -14.89
C TYR A 185 -11.63 -5.99 -15.27
N PHE A 186 -12.21 -6.62 -16.30
CA PHE A 186 -11.60 -7.84 -16.78
C PHE A 186 -10.71 -7.46 -17.98
N ASN A 187 -11.03 -7.78 -19.25
CA ASN A 187 -10.14 -7.40 -20.37
C ASN A 187 -10.78 -6.42 -21.36
N PRO A 188 -10.70 -5.14 -21.07
CA PRO A 188 -11.30 -4.15 -21.93
C PRO A 188 -10.75 -4.18 -23.35
N THR A 189 -11.68 -4.10 -24.31
CA THR A 189 -11.33 -4.08 -25.71
C THR A 189 -12.36 -3.32 -26.53
N GLY A 190 -12.05 -3.13 -27.80
CA GLY A 190 -13.02 -2.39 -28.58
C GLY A 190 -12.77 -0.90 -28.56
N ALA A 191 -13.73 -0.18 -29.10
CA ALA A 191 -13.60 1.27 -29.20
C ALA A 191 -14.94 1.88 -29.48
N HIS A 192 -15.02 3.19 -29.32
CA HIS A 192 -16.25 3.93 -29.57
C HIS A 192 -16.65 3.61 -31.02
N ALA A 193 -17.96 3.49 -31.26
CA ALA A 193 -18.50 3.14 -32.57
C ALA A 193 -18.16 4.06 -33.72
N SER A 194 -17.87 5.31 -33.42
CA SER A 194 -17.49 6.25 -34.45
C SER A 194 -16.15 5.91 -35.09
N GLY A 195 -15.29 5.18 -34.36
CA GLY A 195 -13.98 4.81 -34.84
C GLY A 195 -13.00 5.95 -34.64
N CYS A 196 -13.49 7.01 -33.98
CA CYS A 196 -12.76 8.24 -33.70
C CYS A 196 -11.78 8.19 -32.54
N ILE A 197 -12.11 7.36 -31.57
CA ILE A 197 -11.22 7.21 -30.45
C ILE A 197 -11.06 5.72 -30.22
N GLY A 198 -10.05 5.33 -29.47
CA GLY A 198 -9.80 3.95 -29.14
C GLY A 198 -8.55 3.88 -28.31
N GLU A 199 -7.98 2.68 -28.21
CA GLU A 199 -6.76 2.49 -27.46
C GLU A 199 -5.60 2.87 -28.32
N ASP A 200 -4.78 3.79 -27.81
CA ASP A 200 -3.61 4.23 -28.53
C ASP A 200 -2.33 3.87 -27.80
N PRO A 201 -1.88 2.61 -27.90
CA PRO A 201 -0.70 2.17 -27.19
C PRO A 201 0.50 2.96 -27.59
N GLN A 202 1.27 3.35 -26.58
CA GLN A 202 2.48 4.09 -26.83
C GLN A 202 3.58 3.04 -27.02
N GLY A 203 4.07 2.90 -28.23
CA GLY A 203 5.09 1.89 -28.48
C GLY A 203 4.52 0.50 -28.79
N ILE A 204 5.28 -0.57 -28.49
CA ILE A 204 4.83 -1.95 -28.74
C ILE A 204 3.73 -2.34 -27.77
N PRO A 205 2.56 -2.75 -28.24
CA PRO A 205 1.50 -3.07 -27.30
C PRO A 205 1.80 -4.26 -26.45
N ASN A 206 1.47 -4.21 -25.15
CA ASN A 206 1.69 -5.33 -24.25
C ASN A 206 0.45 -6.23 -24.18
N ASN A 207 -0.71 -5.74 -24.55
CA ASN A 207 -1.96 -6.50 -24.52
C ASN A 207 -2.24 -7.14 -25.87
N LEU A 208 -3.08 -8.16 -25.86
CA LEU A 208 -3.41 -8.91 -27.05
C LEU A 208 -4.06 -8.16 -28.21
N MET A 209 -5.21 -7.53 -27.95
CA MET A 209 -5.96 -6.90 -29.01
C MET A 209 -5.29 -5.83 -29.85
N PRO A 210 -4.62 -4.87 -29.24
CA PRO A 210 -3.95 -3.86 -30.04
C PRO A 210 -2.80 -4.52 -30.82
N TYR A 211 -2.19 -5.57 -30.26
CA TYR A 211 -1.16 -6.27 -30.97
C TYR A 211 -1.80 -6.92 -32.20
N VAL A 212 -2.95 -7.56 -32.01
CA VAL A 212 -3.67 -8.21 -33.10
C VAL A 212 -4.08 -7.21 -34.18
N SER A 213 -4.69 -6.11 -33.79
CA SER A 213 -5.10 -5.09 -34.75
C SER A 213 -3.91 -4.50 -35.50
N GLN A 214 -2.80 -4.34 -34.81
CA GLN A 214 -1.63 -3.79 -35.42
C GLN A 214 -1.02 -4.75 -36.43
N VAL A 215 -1.20 -6.04 -36.18
CA VAL A 215 -0.71 -7.03 -37.15
C VAL A 215 -1.59 -6.95 -38.40
N ALA A 216 -2.89 -6.90 -38.19
CA ALA A 216 -3.84 -6.83 -39.27
C ALA A 216 -3.54 -5.69 -40.24
N ILE A 217 -3.21 -4.53 -39.68
CA ILE A 217 -2.94 -3.33 -40.42
C ILE A 217 -1.55 -3.30 -41.00
N GLY A 218 -0.73 -4.23 -40.55
CA GLY A 218 0.64 -4.34 -41.05
C GLY A 218 1.69 -3.56 -40.29
N ARG A 219 1.30 -3.02 -39.14
CA ARG A 219 2.23 -2.27 -38.32
C ARG A 219 3.19 -3.18 -37.56
N ARG A 220 2.81 -4.45 -37.42
CA ARG A 220 3.59 -5.51 -36.81
C ARG A 220 3.65 -6.69 -37.79
N GLU A 221 4.80 -7.35 -37.87
CA GLU A 221 4.96 -8.47 -38.77
C GLU A 221 4.04 -9.65 -38.48
N ALA A 222 3.94 -10.02 -37.22
CA ALA A 222 3.12 -11.15 -36.84
C ALA A 222 2.90 -11.18 -35.32
N LEU A 223 1.84 -11.86 -34.90
CA LEU A 223 1.53 -11.94 -33.49
C LEU A 223 2.30 -13.06 -32.81
N ASN A 224 2.78 -12.80 -31.59
CA ASN A 224 3.44 -13.84 -30.83
C ASN A 224 2.40 -14.31 -29.85
N VAL A 225 2.08 -15.57 -29.92
CA VAL A 225 1.12 -16.15 -28.99
C VAL A 225 1.90 -16.75 -27.79
N PHE A 226 1.59 -16.31 -26.56
CA PHE A 226 2.33 -16.75 -25.37
C PHE A 226 1.85 -18.08 -24.80
N GLY A 227 2.37 -19.17 -25.37
CA GLY A 227 2.05 -20.53 -24.96
C GLY A 227 0.77 -21.06 -25.55
N ASN A 228 0.75 -22.38 -25.78
CA ASN A 228 -0.42 -23.04 -26.26
C ASN A 228 -0.60 -24.38 -25.55
N ASP A 229 0.03 -24.47 -24.38
CA ASP A 229 -0.03 -25.68 -23.57
C ASP A 229 -0.77 -25.49 -22.25
N TYR A 230 -1.73 -24.57 -22.26
CA TYR A 230 -2.50 -24.36 -21.03
C TYR A 230 -3.64 -25.31 -21.01
N ASP A 231 -4.23 -25.48 -19.81
CA ASP A 231 -5.38 -26.35 -19.66
C ASP A 231 -6.62 -25.66 -20.12
N THR A 232 -6.69 -25.38 -21.43
CA THR A 232 -7.83 -24.76 -22.04
C THR A 232 -8.18 -25.57 -23.26
N GLU A 233 -9.33 -25.34 -23.86
CA GLU A 233 -9.79 -26.07 -25.05
C GLU A 233 -8.75 -26.13 -26.16
N ASP A 234 -8.16 -24.98 -26.46
CA ASP A 234 -7.15 -24.90 -27.50
C ASP A 234 -5.71 -24.74 -27.01
N GLY A 235 -5.56 -24.74 -25.68
CA GLY A 235 -4.29 -24.62 -25.02
C GLY A 235 -3.82 -23.18 -24.84
N THR A 236 -4.50 -22.21 -25.48
CA THR A 236 -4.06 -20.82 -25.34
C THR A 236 -4.83 -20.16 -24.21
N GLY A 237 -4.34 -19.03 -23.73
CA GLY A 237 -5.02 -18.34 -22.65
C GLY A 237 -6.43 -17.87 -22.97
N VAL A 238 -7.31 -17.98 -21.98
CA VAL A 238 -8.71 -17.60 -22.07
C VAL A 238 -8.99 -16.39 -21.17
N ARG A 239 -9.63 -15.38 -21.75
CA ARG A 239 -9.95 -14.13 -21.05
C ARG A 239 -11.35 -13.64 -21.37
N ASP A 240 -11.86 -12.83 -20.45
CA ASP A 240 -13.16 -12.25 -20.57
C ASP A 240 -13.00 -10.84 -21.15
N TYR A 241 -13.03 -10.75 -22.50
CA TYR A 241 -12.93 -9.51 -23.25
C TYR A 241 -14.24 -8.78 -23.09
N ILE A 242 -14.18 -7.49 -22.77
CA ILE A 242 -15.37 -6.70 -22.58
C ILE A 242 -15.25 -5.37 -23.30
N HIS A 243 -16.29 -5.00 -24.01
CA HIS A 243 -16.27 -3.75 -24.76
C HIS A 243 -16.05 -2.51 -23.89
N VAL A 244 -15.05 -1.70 -24.25
CA VAL A 244 -14.75 -0.48 -23.52
C VAL A 244 -15.98 0.43 -23.35
N VAL A 245 -16.93 0.45 -24.32
CA VAL A 245 -18.12 1.26 -24.20
C VAL A 245 -19.00 0.75 -23.06
N ASP A 246 -19.11 -0.56 -22.94
CA ASP A 246 -19.91 -1.17 -21.85
C ASP A 246 -19.21 -0.85 -20.52
N LEU A 247 -17.90 -1.00 -20.52
CA LEU A 247 -17.13 -0.72 -19.32
C LEU A 247 -17.33 0.74 -18.87
N ALA A 248 -17.27 1.65 -19.85
CA ALA A 248 -17.48 3.05 -19.58
C ALA A 248 -18.84 3.28 -18.95
N LYS A 249 -19.87 2.64 -19.51
CA LYS A 249 -21.23 2.76 -19.01
C LYS A 249 -21.33 2.27 -17.55
N GLY A 250 -20.51 1.26 -17.19
CA GLY A 250 -20.49 0.72 -15.82
C GLY A 250 -20.11 1.79 -14.82
N HIS A 251 -19.35 2.79 -15.26
CA HIS A 251 -18.94 3.89 -14.39
C HIS A 251 -20.09 4.84 -14.11
N ILE A 252 -21.02 4.97 -15.08
CA ILE A 252 -22.22 5.81 -14.89
C ILE A 252 -23.09 5.11 -13.84
N ALA A 253 -23.14 3.78 -13.95
CA ALA A 253 -23.89 2.95 -12.99
C ALA A 253 -23.28 3.11 -11.62
N ALA A 254 -21.97 3.17 -11.58
CA ALA A 254 -21.28 3.35 -10.31
C ALA A 254 -21.64 4.68 -9.64
N LEU A 255 -21.69 5.76 -10.43
CA LEU A 255 -22.06 7.05 -9.89
C LEU A 255 -23.46 6.99 -9.27
N ARG A 256 -24.37 6.30 -9.96
CA ARG A 256 -25.74 6.16 -9.50
C ARG A 256 -25.79 5.42 -8.17
N LYS A 257 -24.92 4.44 -8.05
CA LYS A 257 -24.82 3.66 -6.84
C LYS A 257 -24.34 4.49 -5.65
N LEU A 258 -23.38 5.38 -5.94
CA LEU A 258 -22.82 6.25 -4.93
C LEU A 258 -23.92 7.15 -4.36
N LYS A 259 -24.82 7.52 -5.25
CA LYS A 259 -25.94 8.34 -4.90
C LYS A 259 -26.81 7.68 -3.88
N GLU A 260 -26.62 6.39 -3.70
CA GLU A 260 -27.40 5.66 -2.76
C GLU A 260 -26.76 5.63 -1.40
N GLN A 261 -25.61 6.30 -1.26
CA GLN A 261 -24.84 6.30 -0.02
C GLN A 261 -24.64 4.85 0.31
N CYS A 262 -24.02 4.16 -0.64
CA CYS A 262 -23.77 2.72 -0.60
C CYS A 262 -22.61 2.22 0.23
N GLY A 263 -21.77 3.12 0.77
CA GLY A 263 -20.63 2.60 1.51
C GLY A 263 -19.67 1.98 0.49
N CYS A 264 -18.91 1.00 0.93
CA CYS A 264 -17.98 0.32 0.09
C CYS A 264 -18.67 -0.78 -0.73
N ARG A 265 -18.55 -0.70 -2.05
CA ARG A 265 -19.18 -1.73 -2.90
C ARG A 265 -18.14 -2.18 -3.88
N ILE A 266 -18.13 -3.45 -4.27
CA ILE A 266 -17.14 -4.03 -5.19
C ILE A 266 -17.82 -4.86 -6.26
N TYR A 267 -17.57 -4.51 -7.52
CA TYR A 267 -18.19 -5.24 -8.63
C TYR A 267 -17.21 -5.54 -9.77
N ASN A 268 -17.38 -6.76 -10.29
CA ASN A 268 -16.65 -7.17 -11.47
C ASN A 268 -17.32 -6.44 -12.64
N LEU A 269 -16.51 -6.09 -13.63
CA LEU A 269 -16.98 -5.51 -14.88
C LEU A 269 -16.42 -6.46 -15.95
N GLY A 270 -17.21 -7.51 -16.25
CA GLY A 270 -16.87 -8.54 -17.26
C GLY A 270 -18.16 -8.96 -18.01
N THR A 271 -18.02 -9.84 -18.99
CA THR A 271 -19.19 -10.29 -19.71
C THR A 271 -19.68 -11.64 -19.22
N GLY A 272 -18.78 -12.40 -18.65
CA GLY A 272 -19.08 -13.73 -18.17
C GLY A 272 -18.63 -14.77 -19.18
N THR A 273 -18.16 -14.29 -20.34
CA THR A 273 -17.72 -15.27 -21.32
C THR A 273 -16.27 -15.10 -21.66
N GLY A 274 -15.53 -16.22 -21.60
CA GLY A 274 -14.11 -16.18 -21.93
C GLY A 274 -13.86 -16.68 -23.37
N TYR A 275 -12.85 -16.09 -23.98
CA TYR A 275 -12.44 -16.46 -25.32
C TYR A 275 -10.94 -16.67 -25.32
N SER A 276 -10.45 -17.64 -26.12
CA SER A 276 -9.03 -17.92 -26.21
C SER A 276 -8.33 -16.98 -27.16
N VAL A 277 -7.02 -16.99 -27.08
CA VAL A 277 -6.20 -16.14 -27.94
C VAL A 277 -6.53 -16.42 -29.42
N LEU A 278 -6.52 -17.72 -29.79
CA LEU A 278 -6.78 -18.15 -31.16
C LEU A 278 -8.17 -17.77 -31.57
N GLN A 279 -9.11 -17.83 -30.64
CA GLN A 279 -10.46 -17.43 -30.98
C GLN A 279 -10.54 -15.95 -31.30
N MET A 280 -9.74 -15.14 -30.58
CA MET A 280 -9.74 -13.71 -30.84
C MET A 280 -9.10 -13.42 -32.21
N VAL A 281 -8.05 -14.19 -32.53
CA VAL A 281 -7.38 -14.02 -33.80
C VAL A 281 -8.36 -14.27 -34.96
N GLN A 282 -9.14 -15.35 -34.85
CA GLN A 282 -10.09 -15.66 -35.89
C GLN A 282 -11.14 -14.58 -35.98
N ALA A 283 -11.65 -14.12 -34.81
CA ALA A 283 -12.67 -13.08 -34.81
C ALA A 283 -12.19 -11.76 -35.45
N MET A 284 -10.87 -11.51 -35.27
CA MET A 284 -10.25 -10.32 -35.82
C MET A 284 -10.04 -10.46 -37.35
N GLU A 285 -9.81 -11.69 -37.79
CA GLU A 285 -9.65 -11.91 -39.23
C GLU A 285 -11.04 -11.68 -39.88
N LYS A 286 -12.05 -12.16 -39.19
CA LYS A 286 -13.41 -11.98 -39.66
C LYS A 286 -13.78 -10.51 -39.71
N ALA A 287 -13.48 -9.77 -38.64
CA ALA A 287 -13.82 -8.36 -38.65
C ALA A 287 -13.05 -7.52 -39.64
N SER A 288 -11.75 -7.75 -39.75
CA SER A 288 -10.85 -6.96 -40.59
C SER A 288 -10.75 -7.34 -42.06
N GLY A 289 -11.02 -8.62 -42.37
CA GLY A 289 -10.88 -9.09 -43.74
C GLY A 289 -9.38 -9.19 -44.07
N LYS A 290 -8.52 -9.12 -43.05
CA LYS A 290 -7.05 -9.18 -43.18
C LYS A 290 -6.46 -10.44 -42.57
N LYS A 291 -5.25 -10.80 -43.01
CA LYS A 291 -4.55 -11.97 -42.49
C LYS A 291 -3.83 -11.60 -41.23
N ILE A 292 -3.87 -12.47 -40.21
CA ILE A 292 -3.19 -12.16 -38.98
C ILE A 292 -2.26 -13.32 -38.62
N PRO A 293 -1.09 -13.34 -39.21
CA PRO A 293 -0.17 -14.40 -38.96
C PRO A 293 0.31 -14.38 -37.49
N TYR A 294 0.51 -15.58 -36.97
CA TYR A 294 0.96 -15.74 -35.59
C TYR A 294 1.99 -16.84 -35.45
N LYS A 295 2.65 -16.85 -34.34
CA LYS A 295 3.60 -17.90 -34.06
C LYS A 295 3.51 -18.15 -32.57
N VAL A 296 3.47 -19.40 -32.18
CA VAL A 296 3.37 -19.75 -30.76
C VAL A 296 4.76 -19.70 -30.09
N VAL A 297 4.94 -18.81 -29.11
CA VAL A 297 6.20 -18.68 -28.39
C VAL A 297 6.02 -19.10 -26.93
N ALA A 298 7.04 -18.89 -26.10
CA ALA A 298 6.94 -19.27 -24.70
C ALA A 298 5.84 -18.55 -23.92
N ARG A 299 5.43 -19.19 -22.83
CA ARG A 299 4.46 -18.58 -21.94
C ARG A 299 5.05 -17.27 -21.42
N ARG A 300 4.19 -16.30 -21.14
CA ARG A 300 4.67 -15.03 -20.62
C ARG A 300 4.56 -15.10 -19.12
N GLU A 301 5.61 -14.64 -18.48
CA GLU A 301 5.68 -14.65 -17.02
C GLU A 301 4.43 -14.09 -16.33
N GLY A 302 3.90 -14.90 -15.41
CA GLY A 302 2.71 -14.55 -14.62
C GLY A 302 1.36 -14.84 -15.24
N ASP A 303 1.32 -15.28 -16.49
CA ASP A 303 0.04 -15.53 -17.08
C ASP A 303 -0.72 -16.69 -16.47
N VAL A 304 -2.04 -16.57 -16.40
CA VAL A 304 -2.88 -17.65 -15.89
C VAL A 304 -3.56 -18.29 -17.09
N ALA A 305 -4.01 -19.53 -16.93
CA ALA A 305 -4.66 -20.19 -18.01
C ALA A 305 -5.96 -19.54 -18.45
N ALA A 306 -6.83 -19.29 -17.49
CA ALA A 306 -8.12 -18.74 -17.82
C ALA A 306 -8.60 -17.81 -16.73
N CYS A 307 -9.29 -16.75 -17.11
CA CYS A 307 -9.80 -15.79 -16.18
C CYS A 307 -11.09 -15.22 -16.76
N TYR A 308 -12.20 -15.36 -16.08
CA TYR A 308 -13.43 -14.79 -16.58
C TYR A 308 -14.37 -14.49 -15.42
N ALA A 309 -15.27 -13.55 -15.61
CA ALA A 309 -16.14 -13.11 -14.55
C ALA A 309 -17.45 -13.81 -14.36
N ASN A 310 -17.97 -13.65 -13.15
CA ASN A 310 -19.29 -14.04 -12.76
C ASN A 310 -19.95 -12.67 -12.70
N PRO A 311 -20.75 -12.35 -13.68
CA PRO A 311 -21.38 -11.03 -13.79
C PRO A 311 -22.68 -10.80 -13.03
N SER A 312 -23.07 -11.76 -12.21
CA SER A 312 -24.35 -11.67 -11.52
C SER A 312 -24.53 -10.52 -10.52
N LEU A 313 -23.53 -10.36 -9.64
CA LEU A 313 -23.67 -9.30 -8.66
C LEU A 313 -23.79 -7.93 -9.34
N ALA A 314 -22.99 -7.73 -10.38
CA ALA A 314 -23.05 -6.47 -11.06
C ALA A 314 -24.43 -6.23 -11.65
N GLN A 315 -24.99 -7.27 -12.23
CA GLN A 315 -26.32 -7.11 -12.79
C GLN A 315 -27.39 -6.79 -11.76
N GLU A 316 -27.33 -7.51 -10.64
CA GLU A 316 -28.32 -7.40 -9.58
C GLU A 316 -28.22 -6.19 -8.67
N GLU A 317 -26.98 -5.79 -8.32
CA GLU A 317 -26.74 -4.70 -7.37
C GLU A 317 -26.22 -3.43 -8.00
N LEU A 318 -25.26 -3.56 -8.93
CA LEU A 318 -24.81 -2.36 -9.59
C LEU A 318 -25.85 -1.96 -10.64
N GLY A 319 -26.71 -2.91 -11.04
CA GLY A 319 -27.73 -2.64 -12.04
C GLY A 319 -27.06 -2.40 -13.42
N TRP A 320 -26.10 -3.27 -13.76
CA TRP A 320 -25.35 -3.12 -15.01
C TRP A 320 -24.95 -4.47 -15.60
N THR A 321 -24.89 -4.49 -16.94
CA THR A 321 -24.45 -5.66 -17.68
C THR A 321 -23.85 -5.19 -19.02
N ALA A 322 -22.93 -5.98 -19.55
CA ALA A 322 -22.28 -5.69 -20.83
C ALA A 322 -23.24 -6.07 -21.95
N ALA A 323 -23.61 -5.13 -22.82
CA ALA A 323 -24.54 -5.44 -23.86
C ALA A 323 -23.89 -5.88 -25.17
N LEU A 324 -22.67 -5.44 -25.40
CA LEU A 324 -21.93 -5.70 -26.66
C LEU A 324 -21.18 -7.02 -26.71
N GLY A 325 -21.31 -7.73 -27.86
CA GLY A 325 -20.67 -9.05 -28.05
C GLY A 325 -19.31 -9.05 -28.72
N LEU A 326 -18.76 -10.24 -28.86
CA LEU A 326 -17.45 -10.41 -29.47
C LEU A 326 -17.30 -9.71 -30.84
N ASP A 327 -18.23 -9.98 -31.76
CA ASP A 327 -18.10 -9.38 -33.06
C ASP A 327 -18.08 -7.85 -33.08
N ARG A 328 -18.94 -7.25 -32.26
CA ARG A 328 -19.02 -5.82 -32.12
C ARG A 328 -17.70 -5.28 -31.59
N MET A 329 -17.15 -5.96 -30.59
CA MET A 329 -15.87 -5.52 -30.09
C MET A 329 -14.80 -5.52 -31.18
N CYS A 330 -14.73 -6.61 -31.97
CA CYS A 330 -13.72 -6.70 -33.01
C CYS A 330 -13.95 -5.69 -34.12
N GLU A 331 -15.21 -5.53 -34.46
CA GLU A 331 -15.59 -4.59 -35.50
C GLU A 331 -15.22 -3.17 -35.16
N ASP A 332 -15.53 -2.83 -33.90
CA ASP A 332 -15.25 -1.47 -33.42
C ASP A 332 -13.74 -1.21 -33.29
N LEU A 333 -13.00 -2.24 -32.86
CA LEU A 333 -11.56 -2.16 -32.73
C LEU A 333 -10.98 -1.94 -34.13
N TRP A 334 -11.44 -2.76 -35.06
CA TRP A 334 -10.92 -2.66 -36.43
C TRP A 334 -11.18 -1.28 -37.05
N ARG A 335 -12.39 -0.76 -36.85
CA ARG A 335 -12.71 0.54 -37.40
C ARG A 335 -11.77 1.59 -36.89
N TRP A 336 -11.53 1.56 -35.57
CA TRP A 336 -10.63 2.52 -34.97
C TRP A 336 -9.24 2.36 -35.56
N GLN A 337 -8.77 1.13 -35.64
CA GLN A 337 -7.44 0.89 -36.17
C GLN A 337 -7.23 1.32 -37.62
N LYS A 338 -8.25 1.03 -38.44
CA LYS A 338 -8.25 1.31 -39.86
C LYS A 338 -8.32 2.81 -40.11
N GLN A 339 -9.18 3.48 -39.39
CA GLN A 339 -9.33 4.90 -39.57
C GLN A 339 -8.17 5.69 -38.97
N ASN A 340 -7.44 5.06 -38.06
CA ASN A 340 -6.29 5.71 -37.41
C ASN A 340 -5.13 4.75 -37.32
N PRO A 341 -4.49 4.52 -38.47
CA PRO A 341 -3.39 3.57 -38.56
C PRO A 341 -2.27 3.74 -37.55
N SER A 342 -1.98 5.01 -37.23
CA SER A 342 -0.95 5.38 -36.27
C SER A 342 -1.54 5.92 -34.98
N GLY A 343 -2.81 5.61 -34.70
CA GLY A 343 -3.46 6.09 -33.50
C GLY A 343 -3.68 7.56 -33.61
N PHE A 344 -3.57 8.27 -32.48
CA PHE A 344 -3.81 9.69 -32.52
C PHE A 344 -2.68 10.54 -33.14
N GLY A 345 -3.04 11.78 -33.41
CA GLY A 345 -2.19 12.78 -33.98
C GLY A 345 -3.05 13.92 -34.51
N THR A 346 -3.05 14.09 -35.83
CA THR A 346 -3.83 15.12 -36.50
C THR A 346 -5.07 14.57 -37.23
N ALA B 2 30.00 5.26 3.14
CA ALA B 2 30.71 4.02 3.40
C ALA B 2 30.69 3.63 4.86
N GLU B 3 30.28 4.55 5.72
CA GLU B 3 30.36 4.28 7.12
C GLU B 3 29.09 4.58 8.00
N LYS B 4 28.28 5.61 7.74
CA LYS B 4 27.24 6.05 8.58
C LYS B 4 26.06 5.17 8.44
N VAL B 5 25.29 5.13 9.54
CA VAL B 5 24.05 4.38 9.60
C VAL B 5 22.90 5.36 9.81
N LEU B 6 22.00 5.50 8.83
CA LEU B 6 20.88 6.38 8.99
C LEU B 6 19.82 5.73 9.89
N VAL B 7 19.34 6.45 10.91
CA VAL B 7 18.30 5.90 11.79
C VAL B 7 17.10 6.82 11.75
N THR B 8 16.04 6.43 11.03
CA THR B 8 14.85 7.27 10.95
C THR B 8 14.03 7.05 12.19
N GLY B 9 13.32 8.09 12.62
CA GLY B 9 12.49 7.96 13.81
C GLY B 9 13.33 7.56 15.03
N GLY B 10 14.61 7.95 15.01
CA GLY B 10 15.52 7.60 16.07
C GLY B 10 15.32 8.31 17.42
N ALA B 11 14.45 9.31 17.50
CA ALA B 11 14.29 9.94 18.79
C ALA B 11 13.19 9.27 19.57
N GLY B 12 12.53 8.30 18.94
CA GLY B 12 11.43 7.59 19.55
C GLY B 12 11.89 6.52 20.54
N TYR B 13 10.94 5.70 20.96
CA TYR B 13 11.19 4.68 21.96
C TYR B 13 12.26 3.67 21.58
N ILE B 14 11.96 2.85 20.59
CA ILE B 14 12.91 1.83 20.18
C ILE B 14 14.13 2.42 19.53
N GLY B 15 13.91 3.47 18.74
CA GLY B 15 15.02 4.11 18.04
C GLY B 15 16.12 4.66 18.97
N SER B 16 15.67 5.37 20.03
CA SER B 16 16.61 5.96 20.97
C SER B 16 17.44 4.88 21.60
N HIS B 17 16.81 3.78 21.96
CA HIS B 17 17.59 2.73 22.57
C HIS B 17 18.58 2.10 21.62
N THR B 18 18.15 2.06 20.35
CA THR B 18 18.99 1.46 19.30
C THR B 18 20.16 2.38 18.99
N VAL B 19 19.92 3.69 18.93
CA VAL B 19 21.03 4.62 18.69
C VAL B 19 22.09 4.41 19.79
N LEU B 20 21.60 4.17 21.03
CA LEU B 20 22.49 3.94 22.14
C LEU B 20 23.34 2.72 21.88
N GLU B 21 22.68 1.61 21.54
CA GLU B 21 23.41 0.37 21.30
C GLU B 21 24.37 0.53 20.16
N LEU B 22 23.97 1.23 19.11
CA LEU B 22 24.84 1.41 17.96
C LEU B 22 26.12 2.14 18.35
N LEU B 23 25.94 3.23 19.10
CA LEU B 23 27.08 4.03 19.52
C LEU B 23 28.03 3.21 20.37
N GLU B 24 27.46 2.45 21.30
CA GLU B 24 28.24 1.64 22.17
C GLU B 24 29.03 0.63 21.39
N ALA B 25 28.49 0.17 20.28
CA ALA B 25 29.12 -0.83 19.44
C ALA B 25 30.11 -0.26 18.43
N GLY B 26 30.33 1.06 18.43
CA GLY B 26 31.30 1.61 17.50
C GLY B 26 30.71 2.08 16.18
N TYR B 27 29.40 1.99 16.04
CA TYR B 27 28.81 2.47 14.80
C TYR B 27 28.61 3.95 14.85
N LEU B 28 28.39 4.54 13.67
CA LEU B 28 28.18 5.97 13.53
C LEU B 28 26.81 6.30 13.02
N PRO B 29 25.86 6.49 13.91
CA PRO B 29 24.51 6.81 13.50
C PRO B 29 24.24 8.28 13.18
N VAL B 30 23.29 8.51 12.28
CA VAL B 30 22.79 9.83 11.91
C VAL B 30 21.32 9.65 12.07
N VAL B 31 20.72 10.43 12.93
CA VAL B 31 19.33 10.27 13.22
C VAL B 31 18.46 11.38 12.68
N ILE B 32 17.25 10.99 12.28
CA ILE B 32 16.24 11.91 11.82
C ILE B 32 14.94 11.60 12.51
N ASP B 33 14.14 12.64 12.78
CA ASP B 33 12.83 12.50 13.41
C ASP B 33 12.08 13.81 13.22
N ASN B 34 10.76 13.71 13.15
CA ASN B 34 9.96 14.88 12.96
C ASN B 34 9.24 15.25 14.26
N PHE B 35 9.50 14.44 15.29
CA PHE B 35 8.89 14.62 16.62
C PHE B 35 7.43 14.39 16.70
N HIS B 36 6.87 13.69 15.75
CA HIS B 36 5.46 13.44 15.81
C HIS B 36 5.09 12.70 17.10
N ASN B 37 5.97 11.81 17.56
CA ASN B 37 5.68 11.05 18.78
C ASN B 37 6.87 10.99 19.70
N ALA B 38 7.64 12.06 19.74
CA ALA B 38 8.81 12.15 20.59
C ALA B 38 8.98 13.57 21.10
N PHE B 39 9.47 13.67 22.33
CA PHE B 39 9.66 14.95 22.98
C PHE B 39 10.87 15.73 22.47
N ARG B 40 10.64 17.00 22.21
CA ARG B 40 11.69 17.88 21.74
C ARG B 40 12.55 18.34 22.92
N GLY B 41 13.83 18.11 22.74
CA GLY B 41 14.83 18.48 23.70
C GLY B 41 14.99 20.00 23.80
N GLY B 42 15.73 20.40 24.80
CA GLY B 42 15.97 21.82 25.03
C GLY B 42 16.76 22.46 23.92
N GLY B 43 17.84 21.79 23.54
CA GLY B 43 18.70 22.29 22.50
C GLY B 43 18.37 21.72 21.16
N SER B 44 19.43 21.62 20.38
CA SER B 44 19.29 21.07 19.06
C SER B 44 18.78 19.64 19.16
N LEU B 45 19.37 18.87 20.09
CA LEU B 45 19.01 17.45 20.27
C LEU B 45 17.70 17.21 20.99
N PRO B 46 17.00 16.15 20.57
CA PRO B 46 15.79 15.81 21.27
C PRO B 46 16.25 15.37 22.66
N GLU B 47 15.36 15.42 23.65
CA GLU B 47 15.73 15.06 25.01
C GLU B 47 16.33 13.65 25.07
N SER B 48 15.62 12.71 24.46
CA SER B 48 16.08 11.34 24.45
C SER B 48 17.50 11.19 23.96
N LEU B 49 17.82 11.86 22.84
CA LEU B 49 19.14 11.75 22.24
C LEU B 49 20.22 12.46 23.00
N ARG B 50 19.84 13.59 23.62
CA ARG B 50 20.85 14.28 24.39
C ARG B 50 21.32 13.35 25.49
N ARG B 51 20.34 12.64 26.07
CA ARG B 51 20.57 11.67 27.14
C ARG B 51 21.43 10.52 26.66
N VAL B 52 21.19 10.04 25.43
CA VAL B 52 22.01 8.96 24.89
C VAL B 52 23.42 9.48 24.69
N GLN B 53 23.53 10.73 24.22
CA GLN B 53 24.84 11.33 24.00
C GLN B 53 25.61 11.33 25.31
N GLU B 54 24.90 11.69 26.39
CA GLU B 54 25.50 11.71 27.73
C GLU B 54 25.87 10.34 28.30
N LEU B 55 24.99 9.36 28.13
CA LEU B 55 25.24 8.01 28.63
C LEU B 55 26.39 7.32 27.87
N THR B 56 26.49 7.51 26.55
CA THR B 56 27.54 6.85 25.80
C THR B 56 28.83 7.62 25.74
N GLY B 57 28.76 8.91 25.87
CA GLY B 57 29.97 9.68 25.75
C GLY B 57 30.27 9.97 24.29
N ARG B 58 29.36 9.61 23.39
CA ARG B 58 29.62 9.89 21.97
C ARG B 58 28.57 10.81 21.36
N SER B 59 29.01 11.63 20.42
CA SER B 59 28.12 12.55 19.76
C SER B 59 27.02 11.87 18.91
N VAL B 60 25.85 12.46 18.95
CA VAL B 60 24.72 11.98 18.20
C VAL B 60 24.47 12.97 17.08
N GLU B 61 24.66 12.55 15.82
CA GLU B 61 24.40 13.46 14.70
C GLU B 61 22.92 13.37 14.47
N PHE B 62 22.29 14.53 14.44
CA PHE B 62 20.87 14.56 14.31
C PHE B 62 20.33 15.68 13.42
N GLU B 63 19.23 15.38 12.77
CA GLU B 63 18.57 16.37 11.94
C GLU B 63 17.08 16.24 12.06
N GLU B 64 16.41 17.35 12.33
CA GLU B 64 14.98 17.32 12.39
C GLU B 64 14.46 17.28 10.95
N MET B 65 13.67 16.25 10.62
CA MET B 65 13.11 16.09 9.29
C MET B 65 12.02 15.05 9.19
N ASP B 66 11.23 15.17 8.14
CA ASP B 66 10.13 14.28 7.88
C ASP B 66 10.48 13.35 6.73
N ILE B 67 10.27 12.03 6.87
CA ILE B 67 10.63 11.13 5.78
C ILE B 67 9.82 11.40 4.53
N LEU B 68 8.76 12.20 4.66
CA LEU B 68 7.89 12.54 3.53
C LEU B 68 8.42 13.73 2.73
N ASP B 69 9.55 14.31 3.14
CA ASP B 69 10.15 15.43 2.46
C ASP B 69 11.31 14.97 1.62
N GLN B 70 11.02 14.81 0.33
CA GLN B 70 12.04 14.35 -0.60
C GLN B 70 13.24 15.23 -0.61
N GLY B 71 12.96 16.53 -0.54
CA GLY B 71 14.01 17.53 -0.60
C GLY B 71 15.06 17.37 0.50
N ALA B 72 14.54 17.35 1.72
CA ALA B 72 15.35 17.18 2.90
C ALA B 72 16.11 15.86 2.85
N LEU B 73 15.43 14.79 2.41
CA LEU B 73 16.12 13.51 2.31
C LEU B 73 17.27 13.52 1.34
N GLN B 74 17.04 14.15 0.18
CA GLN B 74 18.07 14.20 -0.82
C GLN B 74 19.30 14.87 -0.28
N ARG B 75 19.02 15.95 0.44
CA ARG B 75 20.03 16.77 1.07
C ARG B 75 20.83 15.97 2.08
N LEU B 76 20.08 15.23 2.88
CA LEU B 76 20.70 14.40 3.90
C LEU B 76 21.66 13.36 3.28
N PHE B 77 21.19 12.71 2.20
CA PHE B 77 21.98 11.71 1.49
C PHE B 77 23.17 12.30 0.74
N LYS B 78 23.08 13.60 0.38
CA LYS B 78 24.18 14.28 -0.31
C LYS B 78 25.27 14.63 0.71
N LYS B 79 24.81 14.93 1.92
CA LYS B 79 25.67 15.30 3.03
C LYS B 79 26.41 14.15 3.69
N TYR B 80 25.77 12.99 3.80
CA TYR B 80 26.41 11.86 4.42
C TYR B 80 26.51 10.70 3.47
N SER B 81 27.49 9.87 3.75
CA SER B 81 27.69 8.65 2.98
C SER B 81 27.23 7.46 3.84
N PHE B 82 25.98 7.07 3.64
CA PHE B 82 25.41 5.99 4.40
C PHE B 82 25.76 4.65 3.86
N MET B 83 25.97 3.74 4.80
CA MET B 83 26.27 2.38 4.46
C MET B 83 25.00 1.53 4.61
N ALA B 84 24.11 1.98 5.47
CA ALA B 84 22.83 1.30 5.74
C ALA B 84 21.81 2.25 6.36
N VAL B 85 20.54 1.79 6.35
CA VAL B 85 19.43 2.53 6.91
C VAL B 85 18.62 1.64 7.84
N ILE B 86 18.32 2.11 9.05
CA ILE B 86 17.46 1.40 10.00
C ILE B 86 16.24 2.26 10.07
N HIS B 87 15.11 1.74 9.62
CA HIS B 87 13.88 2.49 9.50
C HIS B 87 12.77 2.28 10.51
N PHE B 88 12.76 3.14 11.53
CA PHE B 88 11.76 3.07 12.58
C PHE B 88 10.64 4.05 12.43
N ALA B 89 10.89 5.16 11.70
CA ALA B 89 9.87 6.21 11.58
C ALA B 89 8.51 5.73 11.09
N GLY B 90 7.42 6.15 11.74
CA GLY B 90 6.08 5.75 11.30
C GLY B 90 5.10 5.87 12.44
N LEU B 91 3.81 5.57 12.18
CA LEU B 91 2.71 5.59 13.15
C LEU B 91 2.54 4.13 13.62
N LYS B 92 2.21 3.87 14.89
CA LYS B 92 2.17 2.49 15.31
C LYS B 92 1.01 1.98 16.15
N ALA B 93 -0.05 2.74 16.25
CA ALA B 93 -1.16 2.32 17.05
C ALA B 93 -2.18 1.49 16.28
N VAL B 94 -2.39 0.22 16.66
CA VAL B 94 -3.37 -0.66 16.02
C VAL B 94 -4.77 -0.03 16.02
N GLY B 95 -5.28 0.36 17.19
CA GLY B 95 -6.63 0.93 17.30
C GLY B 95 -6.85 2.26 16.57
N GLU B 96 -5.86 3.15 16.65
CA GLU B 96 -5.94 4.42 15.96
C GLU B 96 -6.01 4.17 14.45
N SER B 97 -5.21 3.21 13.99
CA SER B 97 -5.19 2.90 12.56
C SER B 97 -6.57 2.54 12.02
N VAL B 98 -7.35 1.84 12.84
CA VAL B 98 -8.66 1.48 12.41
C VAL B 98 -9.50 2.71 12.14
N GLN B 99 -9.32 3.74 12.96
CA GLN B 99 -10.09 4.93 12.76
C GLN B 99 -9.49 5.96 11.81
N LYS B 100 -8.17 5.97 11.65
CA LYS B 100 -7.51 6.97 10.79
C LYS B 100 -6.58 6.28 9.79
N PRO B 101 -7.14 5.37 8.99
CA PRO B 101 -6.38 4.61 8.00
C PRO B 101 -5.48 5.42 7.08
N LEU B 102 -6.00 6.54 6.56
CA LEU B 102 -5.21 7.39 5.65
C LEU B 102 -3.96 7.94 6.26
N ASP B 103 -4.02 8.28 7.56
CA ASP B 103 -2.82 8.79 8.19
C ASP B 103 -1.74 7.70 8.20
N TYR B 104 -2.18 6.45 8.45
CA TYR B 104 -1.28 5.30 8.48
C TYR B 104 -0.71 4.99 7.07
N TYR B 105 -1.59 4.97 6.06
CA TYR B 105 -1.09 4.70 4.74
C TYR B 105 -0.12 5.79 4.28
N ARG B 106 -0.47 7.03 4.63
CA ARG B 106 0.37 8.15 4.29
C ARG B 106 1.78 8.06 4.92
N VAL B 107 1.83 8.10 6.23
CA VAL B 107 3.11 8.08 6.87
C VAL B 107 3.88 6.79 6.69
N ASN B 108 3.19 5.66 6.83
CA ASN B 108 3.87 4.39 6.73
C ASN B 108 4.18 3.95 5.30
N LEU B 109 3.19 3.99 4.39
CA LEU B 109 3.43 3.56 3.05
C LEU B 109 4.15 4.63 2.24
N THR B 110 3.52 5.79 2.11
CA THR B 110 4.15 6.81 1.33
C THR B 110 5.51 7.22 1.88
N GLY B 111 5.63 7.32 3.21
CA GLY B 111 6.90 7.68 3.77
C GLY B 111 7.98 6.64 3.48
N THR B 112 7.62 5.35 3.56
CA THR B 112 8.64 4.35 3.29
C THR B 112 9.03 4.32 1.81
N ILE B 113 8.02 4.47 0.95
CA ILE B 113 8.29 4.50 -0.50
C ILE B 113 9.30 5.61 -0.81
N GLN B 114 9.03 6.82 -0.29
CA GLN B 114 9.93 7.92 -0.51
C GLN B 114 11.36 7.55 -0.04
N LEU B 115 11.48 6.96 1.15
CA LEU B 115 12.79 6.58 1.68
C LEU B 115 13.48 5.55 0.78
N LEU B 116 12.74 4.49 0.36
CA LEU B 116 13.33 3.48 -0.52
C LEU B 116 13.80 4.12 -1.84
N GLU B 117 13.00 5.07 -2.37
CA GLU B 117 13.41 5.72 -3.63
C GLU B 117 14.75 6.47 -3.49
N ILE B 118 14.91 7.18 -2.37
CA ILE B 118 16.15 7.92 -2.09
C ILE B 118 17.28 6.97 -1.93
N MET B 119 17.02 5.89 -1.20
CA MET B 119 18.04 4.89 -0.98
C MET B 119 18.52 4.29 -2.29
N LYS B 120 17.56 3.84 -3.06
CA LYS B 120 17.87 3.26 -4.36
C LYS B 120 18.70 4.25 -5.20
N ALA B 121 18.22 5.50 -5.28
CA ALA B 121 18.88 6.52 -6.06
C ALA B 121 20.32 6.73 -5.66
N HIS B 122 20.55 6.68 -4.35
CA HIS B 122 21.87 6.93 -3.81
C HIS B 122 22.73 5.69 -3.72
N GLY B 123 22.19 4.57 -4.13
CA GLY B 123 22.97 3.35 -4.07
C GLY B 123 23.19 2.83 -2.63
N VAL B 124 22.30 3.20 -1.69
CA VAL B 124 22.43 2.70 -0.32
C VAL B 124 21.37 1.61 -0.26
N LYS B 125 21.75 0.40 -0.62
CA LYS B 125 20.80 -0.71 -0.71
C LYS B 125 20.87 -1.73 0.39
N ASN B 126 21.05 -1.22 1.61
CA ASN B 126 21.13 -2.01 2.84
C ASN B 126 20.13 -1.47 3.82
N LEU B 127 19.11 -2.28 4.14
CA LEU B 127 18.07 -1.80 4.99
C LEU B 127 17.71 -2.73 6.13
N VAL B 128 17.35 -2.13 7.28
CA VAL B 128 16.79 -2.83 8.45
C VAL B 128 15.46 -2.16 8.63
N PHE B 129 14.38 -2.95 8.54
CA PHE B 129 13.07 -2.37 8.65
C PHE B 129 12.34 -2.82 9.88
N SER B 130 11.66 -1.86 10.50
CA SER B 130 10.82 -2.13 11.67
C SER B 130 9.50 -2.74 11.21
N SER B 131 9.44 -4.08 11.20
CA SER B 131 8.19 -4.75 10.85
C SER B 131 7.41 -5.08 12.13
N SER B 132 6.44 -5.96 12.07
CA SER B 132 5.67 -6.19 13.27
C SER B 132 4.94 -7.53 13.28
N ALA B 133 4.63 -8.06 14.47
CA ALA B 133 3.91 -9.32 14.60
C ALA B 133 2.51 -9.21 14.03
N THR B 134 2.02 -7.97 13.83
CA THR B 134 0.69 -7.74 13.27
C THR B 134 0.58 -8.18 11.80
N VAL B 135 1.70 -8.35 11.11
CA VAL B 135 1.62 -8.77 9.73
C VAL B 135 1.06 -10.20 9.63
N TYR B 136 1.08 -10.96 10.75
CA TYR B 136 0.57 -12.35 10.77
C TYR B 136 -0.94 -12.39 10.81
N GLY B 137 -1.57 -11.22 11.06
CA GLY B 137 -3.02 -11.09 11.16
C GLY B 137 -3.52 -11.90 12.36
N ASN B 138 -4.70 -12.48 12.25
CA ASN B 138 -5.21 -13.27 13.37
C ASN B 138 -4.48 -14.60 13.39
N PRO B 139 -3.74 -14.88 14.46
CA PRO B 139 -2.97 -16.09 14.50
C PRO B 139 -3.74 -17.36 14.21
N GLN B 140 -3.14 -18.19 13.36
CA GLN B 140 -3.76 -19.46 13.01
C GLN B 140 -3.18 -20.54 13.90
N TYR B 141 -2.03 -20.23 14.48
CA TYR B 141 -1.31 -21.11 15.39
C TYR B 141 -0.38 -20.26 16.24
N LEU B 142 0.01 -20.79 17.39
CA LEU B 142 0.89 -20.10 18.32
C LEU B 142 1.84 -21.11 18.96
N PRO B 143 3.11 -20.78 19.13
CA PRO B 143 3.73 -19.51 18.75
C PRO B 143 3.83 -19.28 17.24
N LEU B 144 4.00 -18.01 16.88
CA LEU B 144 4.12 -17.60 15.47
C LEU B 144 5.54 -17.75 14.92
N ASP B 145 5.73 -18.54 13.86
CA ASP B 145 7.05 -18.63 13.28
C ASP B 145 6.99 -17.85 11.95
N GLU B 146 8.14 -17.69 11.31
CA GLU B 146 8.22 -16.94 10.06
C GLU B 146 7.45 -17.57 8.92
N ALA B 147 7.16 -18.87 9.03
CA ALA B 147 6.41 -19.60 8.01
C ALA B 147 4.92 -19.38 8.11
N HIS B 148 4.44 -18.73 9.17
CA HIS B 148 3.01 -18.51 9.30
C HIS B 148 2.56 -17.52 8.22
N PRO B 149 1.37 -17.68 7.72
CA PRO B 149 0.88 -16.78 6.69
C PRO B 149 0.83 -15.33 7.15
N THR B 150 1.07 -14.43 6.18
CA THR B 150 1.06 -13.01 6.43
C THR B 150 0.02 -12.38 5.59
N GLY B 151 -0.50 -11.29 6.04
CA GLY B 151 -1.55 -10.61 5.31
C GLY B 151 -2.88 -10.93 6.00
N GLY B 152 -4.02 -10.46 5.44
CA GLY B 152 -5.31 -10.69 6.06
C GLY B 152 -5.30 -10.03 7.45
N CYS B 153 -4.58 -8.94 7.52
CA CYS B 153 -4.41 -8.19 8.74
C CYS B 153 -5.73 -7.72 9.27
N THR B 154 -5.79 -7.60 10.60
CA THR B 154 -6.99 -7.17 11.29
C THR B 154 -7.09 -5.65 11.41
N ASN B 155 -6.09 -4.91 10.93
CA ASN B 155 -6.18 -3.44 11.05
C ASN B 155 -5.27 -2.79 10.01
N PRO B 156 -5.55 -1.54 9.67
CA PRO B 156 -4.81 -0.77 8.70
C PRO B 156 -3.34 -0.65 9.03
N TYR B 157 -2.97 -0.55 10.30
CA TYR B 157 -1.55 -0.45 10.61
C TYR B 157 -0.79 -1.72 10.19
N GLY B 158 -1.34 -2.88 10.56
CA GLY B 158 -0.76 -4.18 10.22
C GLY B 158 -0.69 -4.31 8.70
N LYS B 159 -1.76 -3.89 8.01
CA LYS B 159 -1.72 -3.93 6.54
C LYS B 159 -0.57 -3.06 6.03
N SER B 160 -0.44 -1.84 6.60
CA SER B 160 0.62 -0.97 6.15
C SER B 160 1.97 -1.63 6.29
N LYS B 161 2.19 -2.38 7.39
CA LYS B 161 3.47 -3.06 7.59
C LYS B 161 3.68 -4.22 6.61
N PHE B 162 2.63 -4.98 6.42
CA PHE B 162 2.67 -6.10 5.50
C PHE B 162 2.93 -5.60 4.04
N PHE B 163 2.23 -4.54 3.66
CA PHE B 163 2.38 -3.97 2.32
C PHE B 163 3.82 -3.52 2.10
N ILE B 164 4.43 -2.92 3.14
CA ILE B 164 5.83 -2.50 3.05
C ILE B 164 6.74 -3.74 2.84
N GLU B 165 6.48 -4.83 3.60
CA GLU B 165 7.28 -6.04 3.46
C GLU B 165 7.23 -6.50 2.03
N GLU B 166 6.01 -6.49 1.47
CA GLU B 166 5.83 -6.93 0.06
C GLU B 166 6.59 -6.05 -0.93
N MET B 167 6.53 -4.73 -0.72
CA MET B 167 7.23 -3.81 -1.63
C MET B 167 8.70 -4.14 -1.60
N ILE B 168 9.23 -4.31 -0.38
CA ILE B 168 10.64 -4.64 -0.16
C ILE B 168 11.03 -5.96 -0.83
N ARG B 169 10.17 -6.97 -0.68
CA ARG B 169 10.47 -8.26 -1.35
C ARG B 169 10.60 -8.04 -2.87
N ASP B 170 9.70 -7.22 -3.44
CA ASP B 170 9.66 -6.92 -4.87
C ASP B 170 10.91 -6.16 -5.28
N LEU B 171 11.27 -5.18 -4.44
CA LEU B 171 12.47 -4.40 -4.71
C LEU B 171 13.68 -5.31 -4.71
N CYS B 172 13.77 -6.21 -3.70
CA CYS B 172 14.88 -7.14 -3.62
C CYS B 172 14.92 -8.13 -4.79
N GLN B 173 13.73 -8.50 -5.29
CA GLN B 173 13.64 -9.41 -6.43
C GLN B 173 14.14 -8.69 -7.67
N ALA B 174 13.73 -7.44 -7.80
CA ALA B 174 14.13 -6.66 -8.95
C ALA B 174 15.60 -6.39 -9.02
N ASP B 175 16.22 -6.21 -7.86
CA ASP B 175 17.64 -5.89 -7.79
C ASP B 175 18.32 -6.71 -6.70
N LYS B 176 19.03 -7.75 -7.13
CA LYS B 176 19.73 -8.68 -6.26
C LYS B 176 20.83 -8.07 -5.42
N THR B 177 21.21 -6.84 -5.74
CA THR B 177 22.22 -6.15 -4.98
C THR B 177 21.66 -5.64 -3.67
N TRP B 178 20.34 -5.55 -3.54
CA TRP B 178 19.75 -5.08 -2.29
C TRP B 178 19.84 -6.15 -1.22
N ASN B 179 19.99 -5.70 0.03
CA ASN B 179 19.99 -6.54 1.22
C ASN B 179 18.99 -5.87 2.16
N ALA B 180 18.09 -6.64 2.73
CA ALA B 180 17.11 -6.04 3.60
C ALA B 180 16.77 -7.03 4.68
N VAL B 181 16.78 -6.61 5.94
CA VAL B 181 16.42 -7.47 7.06
C VAL B 181 15.13 -6.89 7.62
N LEU B 182 14.05 -7.66 7.51
CA LEU B 182 12.76 -7.24 7.99
C LEU B 182 12.57 -7.80 9.38
N LEU B 183 12.58 -6.96 10.42
CA LEU B 183 12.45 -7.47 11.78
C LEU B 183 11.02 -7.36 12.29
N ARG B 184 10.38 -8.50 12.52
CA ARG B 184 9.02 -8.47 13.01
C ARG B 184 9.05 -8.40 14.53
N TYR B 185 9.01 -7.19 15.08
CA TYR B 185 9.03 -7.16 16.51
C TYR B 185 7.72 -7.55 17.13
N PHE B 186 7.84 -8.03 18.36
CA PHE B 186 6.70 -8.37 19.15
C PHE B 186 6.34 -7.14 20.00
N ASN B 187 6.23 -7.26 21.35
CA ASN B 187 5.84 -6.10 22.15
C ASN B 187 6.95 -5.63 23.08
N PRO B 188 7.80 -4.71 22.63
CA PRO B 188 8.88 -4.21 23.49
C PRO B 188 8.35 -3.40 24.68
N THR B 189 9.03 -3.58 25.81
CA THR B 189 8.74 -2.88 27.03
C THR B 189 10.04 -2.73 27.81
N GLY B 190 9.97 -2.11 28.99
CA GLY B 190 11.20 -1.92 29.74
C GLY B 190 11.86 -0.58 29.33
N ALA B 191 13.11 -0.41 29.75
CA ALA B 191 13.90 0.79 29.48
C ALA B 191 15.34 0.54 29.78
N HIS B 192 16.19 1.43 29.28
CA HIS B 192 17.62 1.35 29.50
C HIS B 192 17.81 1.24 31.03
N ALA B 193 18.76 0.41 31.44
CA ALA B 193 18.99 0.18 32.87
C ALA B 193 19.27 1.45 33.68
N SER B 194 19.77 2.47 33.01
CA SER B 194 20.07 3.73 33.66
C SER B 194 18.83 4.41 34.21
N GLY B 195 17.67 4.18 33.60
CA GLY B 195 16.42 4.83 33.99
C GLY B 195 16.36 6.25 33.44
N CYS B 196 17.37 6.65 32.62
CA CYS B 196 17.46 8.00 32.02
C CYS B 196 16.64 8.18 30.75
N ILE B 197 16.37 7.05 30.05
CA ILE B 197 15.54 7.02 28.84
C ILE B 197 14.50 5.93 28.98
N GLY B 198 13.39 6.11 28.29
CA GLY B 198 12.31 5.14 28.35
C GLY B 198 11.30 5.55 27.32
N GLU B 199 10.12 4.96 27.44
CA GLU B 199 9.00 5.21 26.57
C GLU B 199 8.21 6.43 27.07
N ASP B 200 8.24 7.46 26.25
CA ASP B 200 7.59 8.72 26.55
C ASP B 200 6.79 9.22 25.35
N PRO B 201 5.58 8.65 25.19
CA PRO B 201 4.69 9.01 24.11
C PRO B 201 4.22 10.48 24.25
N GLN B 202 3.92 11.11 23.15
CA GLN B 202 3.45 12.48 23.22
C GLN B 202 1.95 12.38 23.35
N GLY B 203 1.38 12.93 24.39
CA GLY B 203 -0.06 12.80 24.58
C GLY B 203 -0.40 11.62 25.49
N ILE B 204 -1.56 11.01 25.23
CA ILE B 204 -1.96 9.89 26.06
C ILE B 204 -1.39 8.62 25.43
N PRO B 205 -0.79 7.77 26.24
CA PRO B 205 -0.22 6.53 25.70
C PRO B 205 -1.24 5.56 25.10
N ASN B 206 -0.91 4.99 23.94
CA ASN B 206 -1.80 4.02 23.29
C ASN B 206 -1.44 2.58 23.72
N ASN B 207 -0.16 2.45 24.05
CA ASN B 207 0.40 1.17 24.50
C ASN B 207 0.12 0.90 25.98
N LEU B 208 -0.04 -0.38 26.28
CA LEU B 208 -0.36 -0.81 27.63
C LEU B 208 0.58 -0.35 28.74
N MET B 209 1.86 -0.73 28.60
CA MET B 209 2.88 -0.48 29.60
C MET B 209 3.14 0.98 29.97
N PRO B 210 3.24 1.87 29.00
CA PRO B 210 3.49 3.25 29.36
C PRO B 210 2.25 3.78 30.08
N TYR B 211 1.10 3.26 29.69
CA TYR B 211 -0.12 3.69 30.31
C TYR B 211 -0.13 3.21 31.75
N VAL B 212 0.20 1.92 31.93
CA VAL B 212 0.26 1.28 33.25
C VAL B 212 1.24 2.04 34.15
N SER B 213 2.47 2.36 33.65
CA SER B 213 3.44 3.09 34.42
C SER B 213 2.94 4.47 34.86
N GLN B 214 2.21 5.16 33.96
CA GLN B 214 1.65 6.47 34.23
C GLN B 214 0.56 6.41 35.29
N VAL B 215 -0.07 5.26 35.44
CA VAL B 215 -1.09 5.04 36.46
C VAL B 215 -0.36 4.89 37.79
N ALA B 216 0.62 3.99 37.86
CA ALA B 216 1.41 3.75 39.07
C ALA B 216 2.10 5.01 39.63
N ILE B 217 2.58 5.87 38.73
CA ILE B 217 3.25 7.11 39.11
C ILE B 217 2.26 8.17 39.51
N GLY B 218 0.99 7.91 39.18
CA GLY B 218 -0.10 8.79 39.54
C GLY B 218 -0.49 9.77 38.47
N ARG B 219 0.10 9.68 37.31
CA ARG B 219 -0.26 10.61 36.26
C ARG B 219 -1.66 10.34 35.67
N ARG B 220 -2.12 9.09 35.76
CA ARG B 220 -3.41 8.67 35.25
C ARG B 220 -4.17 8.00 36.39
N GLU B 221 -5.48 8.21 36.45
CA GLU B 221 -6.33 7.61 37.49
C GLU B 221 -6.37 6.09 37.45
N ALA B 222 -6.62 5.54 36.26
CA ALA B 222 -6.73 4.11 36.18
C ALA B 222 -6.59 3.62 34.75
N LEU B 223 -6.19 2.36 34.64
CA LEU B 223 -6.03 1.73 33.35
C LEU B 223 -7.37 1.20 32.83
N ASN B 224 -7.62 1.40 31.53
CA ASN B 224 -8.83 0.89 30.86
C ASN B 224 -8.35 -0.38 30.17
N VAL B 225 -8.92 -1.51 30.58
CA VAL B 225 -8.58 -2.82 30.03
C VAL B 225 -9.51 -3.06 28.85
N PHE B 226 -8.94 -3.22 27.67
CA PHE B 226 -9.74 -3.40 26.46
C PHE B 226 -10.27 -4.84 26.26
N GLY B 227 -11.38 -5.15 26.89
CA GLY B 227 -11.98 -6.45 26.79
C GLY B 227 -11.39 -7.50 27.72
N ASN B 228 -12.24 -8.43 28.19
CA ASN B 228 -11.81 -9.52 29.04
C ASN B 228 -12.51 -10.79 28.63
N ASP B 229 -13.01 -10.79 27.39
CA ASP B 229 -13.73 -11.92 26.84
C ASP B 229 -13.02 -12.62 25.70
N TYR B 230 -11.69 -12.57 25.72
CA TYR B 230 -10.89 -13.25 24.72
C TYR B 230 -10.64 -14.70 25.13
N ASP B 231 -10.21 -15.48 24.16
CA ASP B 231 -9.93 -16.89 24.39
C ASP B 231 -8.54 -17.04 24.97
N THR B 232 -8.37 -16.48 26.15
CA THR B 232 -7.12 -16.55 26.89
C THR B 232 -7.42 -16.97 28.31
N GLU B 233 -6.35 -17.36 29.01
CA GLU B 233 -6.41 -17.80 30.40
C GLU B 233 -7.25 -16.85 31.25
N ASP B 234 -6.93 -15.56 31.30
CA ASP B 234 -7.74 -14.67 32.08
C ASP B 234 -8.76 -13.89 31.25
N GLY B 235 -8.84 -14.14 29.94
CA GLY B 235 -9.80 -13.41 29.16
C GLY B 235 -9.27 -12.11 28.56
N THR B 236 -8.13 -11.61 29.04
CA THR B 236 -7.54 -10.40 28.49
C THR B 236 -6.47 -10.75 27.45
N GLY B 237 -6.09 -9.77 26.64
CA GLY B 237 -5.09 -10.02 25.60
C GLY B 237 -3.75 -10.49 26.10
N VAL B 238 -3.16 -11.39 25.30
CA VAL B 238 -1.86 -11.99 25.55
C VAL B 238 -0.81 -11.55 24.54
N ARG B 239 0.34 -11.05 25.01
CA ARG B 239 1.38 -10.57 24.13
C ARG B 239 2.73 -11.04 24.58
N ASP B 240 3.67 -11.06 23.62
CA ASP B 240 5.03 -11.45 23.89
C ASP B 240 5.82 -10.15 24.19
N TYR B 241 6.04 -9.83 25.48
CA TYR B 241 6.79 -8.66 25.90
C TYR B 241 8.29 -8.97 25.83
N ILE B 242 9.03 -8.05 25.22
CA ILE B 242 10.44 -8.21 25.05
C ILE B 242 11.13 -6.95 25.52
N HIS B 243 12.23 -7.10 26.22
CA HIS B 243 12.93 -5.92 26.71
C HIS B 243 13.45 -5.07 25.56
N VAL B 244 13.12 -3.77 25.57
CA VAL B 244 13.56 -2.87 24.52
C VAL B 244 15.07 -2.94 24.29
N VAL B 245 15.85 -3.20 25.35
CA VAL B 245 17.29 -3.29 25.23
C VAL B 245 17.68 -4.51 24.36
N ASP B 246 17.02 -5.62 24.60
CA ASP B 246 17.29 -6.82 23.82
C ASP B 246 16.94 -6.56 22.35
N LEU B 247 15.80 -5.93 22.15
CA LEU B 247 15.32 -5.62 20.82
C LEU B 247 16.29 -4.71 20.11
N ALA B 248 16.79 -3.69 20.82
CA ALA B 248 17.75 -2.76 20.25
C ALA B 248 18.99 -3.52 19.77
N LYS B 249 19.46 -4.45 20.61
CA LYS B 249 20.65 -5.23 20.30
C LYS B 249 20.47 -6.09 19.04
N GLY B 250 19.22 -6.51 18.81
CA GLY B 250 18.91 -7.31 17.62
C GLY B 250 19.24 -6.56 16.33
N HIS B 251 19.20 -5.22 16.41
CA HIS B 251 19.50 -4.38 15.26
C HIS B 251 20.96 -4.46 14.84
N ILE B 252 21.84 -4.66 15.82
CA ILE B 252 23.27 -4.78 15.56
C ILE B 252 23.52 -6.10 14.82
N ALA B 253 22.82 -7.14 15.27
CA ALA B 253 22.91 -8.45 14.64
C ALA B 253 22.39 -8.34 13.20
N ALA B 254 21.35 -7.53 13.01
CA ALA B 254 20.78 -7.35 11.67
C ALA B 254 21.79 -6.67 10.76
N LEU B 255 22.49 -5.68 11.30
CA LEU B 255 23.52 -4.98 10.51
C LEU B 255 24.59 -5.96 10.05
N ARG B 256 24.96 -6.86 10.93
CA ARG B 256 25.97 -7.84 10.54
C ARG B 256 25.50 -8.76 9.42
N LYS B 257 24.22 -9.16 9.52
CA LYS B 257 23.62 -10.03 8.52
C LYS B 257 23.64 -9.35 7.14
N LEU B 258 23.34 -8.04 7.08
CA LEU B 258 23.37 -7.29 5.82
C LEU B 258 24.75 -7.39 5.15
N LYS B 259 25.82 -7.34 5.97
CA LYS B 259 27.19 -7.41 5.45
C LYS B 259 27.48 -8.77 4.79
N GLU B 260 26.66 -9.78 5.06
CA GLU B 260 26.91 -11.07 4.42
C GLU B 260 26.26 -11.08 3.02
N GLN B 261 25.68 -9.93 2.61
CA GLN B 261 24.97 -9.88 1.33
C GLN B 261 23.87 -10.93 1.44
N CYS B 262 23.05 -10.80 2.45
CA CYS B 262 21.99 -11.76 2.72
C CYS B 262 20.76 -11.73 1.84
N GLY B 263 20.56 -10.66 1.06
CA GLY B 263 19.33 -10.58 0.29
C GLY B 263 18.20 -10.13 1.23
N CYS B 264 16.96 -10.57 0.96
CA CYS B 264 15.80 -10.21 1.75
C CYS B 264 15.51 -11.28 2.79
N ARG B 265 15.64 -10.95 4.08
CA ARG B 265 15.45 -11.89 5.17
C ARG B 265 14.49 -11.35 6.20
N ILE B 266 13.75 -12.25 6.84
CA ILE B 266 12.70 -11.90 7.81
C ILE B 266 12.86 -12.66 9.14
N TYR B 267 12.89 -11.94 10.25
CA TYR B 267 13.06 -12.59 11.54
C TYR B 267 12.16 -12.00 12.58
N ASN B 268 11.61 -12.87 13.41
CA ASN B 268 10.79 -12.43 14.53
C ASN B 268 11.74 -12.00 15.61
N LEU B 269 11.39 -10.96 16.35
CA LEU B 269 12.18 -10.55 17.49
C LEU B 269 11.20 -10.54 18.68
N GLY B 270 11.25 -11.64 19.46
CA GLY B 270 10.41 -11.86 20.61
C GLY B 270 11.12 -12.78 21.59
N THR B 271 10.45 -13.08 22.71
CA THR B 271 11.02 -13.94 23.75
C THR B 271 10.45 -15.33 23.69
N GLY B 272 9.23 -15.46 23.17
CA GLY B 272 8.56 -16.74 23.09
C GLY B 272 7.64 -17.00 24.29
N THR B 273 7.58 -16.02 25.19
CA THR B 273 6.75 -16.11 26.38
C THR B 273 5.69 -15.03 26.34
N GLY B 274 4.45 -15.44 26.44
CA GLY B 274 3.34 -14.53 26.40
C GLY B 274 2.82 -14.24 27.81
N TYR B 275 2.37 -13.00 28.00
CA TYR B 275 1.81 -12.49 29.24
C TYR B 275 0.51 -11.74 28.99
N SER B 276 -0.49 -11.92 29.87
CA SER B 276 -1.76 -11.24 29.72
C SER B 276 -1.72 -9.81 30.29
N VAL B 277 -2.78 -9.06 29.96
CA VAL B 277 -2.89 -7.69 30.41
C VAL B 277 -2.82 -7.62 31.92
N LEU B 278 -3.63 -8.46 32.56
CA LEU B 278 -3.66 -8.50 34.01
C LEU B 278 -2.36 -8.96 34.60
N GLN B 279 -1.67 -9.90 33.94
CA GLN B 279 -0.40 -10.36 34.47
C GLN B 279 0.63 -9.22 34.50
N MET B 280 0.57 -8.35 33.47
CA MET B 280 1.47 -7.20 33.34
C MET B 280 1.17 -6.17 34.44
N VAL B 281 -0.11 -5.93 34.66
CA VAL B 281 -0.52 -5.01 35.72
C VAL B 281 0.04 -5.54 37.06
N GLN B 282 -0.13 -6.83 37.28
CA GLN B 282 0.38 -7.47 38.48
C GLN B 282 1.87 -7.30 38.61
N ALA B 283 2.62 -7.65 37.59
CA ALA B 283 4.06 -7.52 37.65
C ALA B 283 4.48 -6.08 37.94
N MET B 284 3.71 -5.12 37.44
CA MET B 284 3.99 -3.71 37.67
C MET B 284 3.62 -3.25 39.10
N GLU B 285 2.59 -3.85 39.68
CA GLU B 285 2.23 -3.46 41.03
C GLU B 285 3.40 -3.88 41.89
N LYS B 286 3.86 -5.08 41.59
CA LYS B 286 4.96 -5.64 42.29
C LYS B 286 6.22 -4.80 42.16
N ALA B 287 6.59 -4.40 40.94
CA ALA B 287 7.80 -3.60 40.75
C ALA B 287 7.76 -2.19 41.35
N SER B 288 6.60 -1.54 41.25
CA SER B 288 6.37 -0.18 41.73
C SER B 288 5.90 -0.05 43.17
N GLY B 289 5.38 -1.13 43.72
CA GLY B 289 4.86 -1.03 45.06
C GLY B 289 3.59 -0.19 45.05
N LYS B 290 3.02 0.08 43.88
CA LYS B 290 1.80 0.87 43.80
C LYS B 290 0.62 0.01 43.36
N LYS B 291 -0.56 0.57 43.64
CA LYS B 291 -1.80 -0.06 43.28
C LYS B 291 -2.12 0.51 41.94
N ILE B 292 -2.46 -0.37 40.98
CA ILE B 292 -2.74 0.05 39.61
C ILE B 292 -4.17 -0.24 39.27
N PRO B 293 -5.03 0.70 39.65
CA PRO B 293 -6.45 0.58 39.43
C PRO B 293 -6.81 0.44 37.95
N TYR B 294 -7.81 -0.38 37.66
CA TYR B 294 -8.18 -0.55 36.27
C TYR B 294 -9.66 -0.83 36.19
N LYS B 295 -10.18 -0.76 35.00
CA LYS B 295 -11.56 -1.07 34.76
C LYS B 295 -11.63 -1.69 33.37
N VAL B 296 -12.58 -2.59 33.18
CA VAL B 296 -12.72 -3.28 31.93
C VAL B 296 -13.69 -2.59 31.04
N VAL B 297 -13.22 -2.28 29.83
CA VAL B 297 -14.07 -1.64 28.88
C VAL B 297 -14.21 -2.57 27.67
N ALA B 298 -14.81 -2.06 26.61
CA ALA B 298 -14.99 -2.85 25.40
C ALA B 298 -13.65 -3.19 24.75
N ARG B 299 -13.66 -4.22 23.91
CA ARG B 299 -12.46 -4.59 23.18
C ARG B 299 -12.05 -3.43 22.28
N ARG B 300 -10.78 -3.37 21.96
CA ARG B 300 -10.31 -2.33 21.06
C ARG B 300 -10.23 -2.93 19.65
N GLU B 301 -10.88 -2.29 18.69
CA GLU B 301 -10.86 -2.82 17.34
C GLU B 301 -9.47 -3.01 16.78
N GLY B 302 -9.32 -4.13 16.10
CA GLY B 302 -8.06 -4.47 15.49
C GLY B 302 -7.25 -5.40 16.36
N ASP B 303 -7.58 -5.51 17.67
CA ASP B 303 -6.80 -6.38 18.55
C ASP B 303 -7.07 -7.88 18.39
N VAL B 304 -6.04 -8.72 18.54
CA VAL B 304 -6.21 -10.18 18.49
C VAL B 304 -6.16 -10.67 19.93
N ALA B 305 -6.68 -11.86 20.19
CA ALA B 305 -6.69 -12.40 21.55
C ALA B 305 -5.28 -12.63 22.10
N ALA B 306 -4.44 -13.31 21.33
CA ALA B 306 -3.09 -13.60 21.75
C ALA B 306 -2.11 -13.70 20.61
N CYS B 307 -0.88 -13.35 20.92
CA CYS B 307 0.22 -13.46 19.99
C CYS B 307 1.58 -13.44 20.67
N TYR B 308 2.40 -14.40 20.29
CA TYR B 308 3.73 -14.58 20.83
C TYR B 308 4.61 -15.26 19.80
N ALA B 309 5.87 -15.05 19.91
CA ALA B 309 6.77 -15.54 18.91
C ALA B 309 7.53 -16.84 19.13
N ASN B 310 7.94 -17.40 17.97
CA ASN B 310 8.86 -18.51 17.93
C ASN B 310 10.09 -17.74 17.47
N PRO B 311 11.06 -17.49 18.36
CA PRO B 311 12.26 -16.71 18.04
C PRO B 311 13.48 -17.53 17.61
N SER B 312 13.27 -18.81 17.30
CA SER B 312 14.35 -19.67 16.92
C SER B 312 15.15 -19.23 15.72
N LEU B 313 14.46 -18.79 14.66
CA LEU B 313 15.15 -18.37 13.45
C LEU B 313 16.19 -17.29 13.73
N ALA B 314 15.78 -16.25 14.46
CA ALA B 314 16.70 -15.15 14.81
C ALA B 314 17.89 -15.71 15.62
N GLN B 315 17.65 -16.67 16.52
CA GLN B 315 18.75 -17.26 17.29
C GLN B 315 19.71 -18.00 16.34
N GLU B 316 19.10 -18.76 15.44
CA GLU B 316 19.92 -19.52 14.52
C GLU B 316 20.70 -18.70 13.50
N GLU B 317 20.02 -17.79 12.80
CA GLU B 317 20.67 -17.03 11.76
C GLU B 317 21.31 -15.70 12.15
N LEU B 318 20.78 -15.07 13.19
CA LEU B 318 21.34 -13.80 13.61
C LEU B 318 22.23 -13.99 14.82
N GLY B 319 22.14 -15.15 15.46
CA GLY B 319 22.94 -15.43 16.64
C GLY B 319 22.46 -14.51 17.76
N TRP B 320 21.17 -14.20 17.74
CA TRP B 320 20.59 -13.32 18.75
C TRP B 320 19.49 -14.00 19.54
N THR B 321 19.39 -13.64 20.81
CA THR B 321 18.36 -14.12 21.69
C THR B 321 18.07 -13.03 22.72
N ALA B 322 16.81 -12.94 23.15
CA ALA B 322 16.41 -11.95 24.14
C ALA B 322 16.74 -12.55 25.49
N ALA B 323 17.70 -11.94 26.12
CA ALA B 323 18.16 -12.37 27.40
C ALA B 323 17.23 -12.12 28.60
N LEU B 324 16.82 -10.85 28.78
CA LEU B 324 16.01 -10.31 29.88
C LEU B 324 14.57 -10.78 30.01
N GLY B 325 14.15 -10.95 31.26
CA GLY B 325 12.80 -11.39 31.59
C GLY B 325 11.85 -10.31 32.10
N LEU B 326 10.64 -10.74 32.44
CA LEU B 326 9.59 -9.87 32.93
C LEU B 326 10.00 -8.95 34.12
N ASP B 327 10.57 -9.57 35.12
CA ASP B 327 10.97 -8.87 36.34
C ASP B 327 11.87 -7.69 36.02
N ARG B 328 12.86 -7.98 35.19
CA ARG B 328 13.83 -7.00 34.72
C ARG B 328 13.14 -5.91 33.90
N MET B 329 12.17 -6.33 33.06
CA MET B 329 11.43 -5.37 32.23
C MET B 329 10.68 -4.40 33.13
N CYS B 330 9.94 -4.99 34.09
CA CYS B 330 9.12 -4.18 35.02
C CYS B 330 9.97 -3.24 35.89
N GLU B 331 11.06 -3.80 36.39
CA GLU B 331 11.97 -3.06 37.22
C GLU B 331 12.57 -1.89 36.46
N ASP B 332 13.00 -2.14 35.22
CA ASP B 332 13.58 -1.10 34.41
C ASP B 332 12.58 -0.04 34.01
N LEU B 333 11.37 -0.46 33.75
CA LEU B 333 10.30 0.44 33.40
C LEU B 333 10.00 1.35 34.59
N TRP B 334 9.83 0.73 35.74
CA TRP B 334 9.51 1.52 36.92
C TRP B 334 10.63 2.50 37.28
N ARG B 335 11.87 2.06 37.15
CA ARG B 335 12.98 2.95 37.45
C ARG B 335 12.92 4.22 36.62
N TRP B 336 12.70 4.05 35.30
CA TRP B 336 12.57 5.17 34.38
C TRP B 336 11.42 6.10 34.76
N GLN B 337 10.24 5.51 35.03
CA GLN B 337 9.02 6.26 35.39
C GLN B 337 9.22 7.08 36.64
N LYS B 338 9.72 6.42 37.68
CA LYS B 338 9.96 7.07 38.97
C LYS B 338 10.99 8.20 38.82
N GLN B 339 12.08 7.96 38.09
CA GLN B 339 13.04 9.03 37.92
C GLN B 339 12.50 10.15 37.04
N ASN B 340 11.49 9.84 36.20
CA ASN B 340 10.90 10.79 35.27
C ASN B 340 9.38 10.71 35.25
N PRO B 341 8.74 11.19 36.32
CA PRO B 341 7.29 11.13 36.47
C PRO B 341 6.54 11.81 35.35
N SER B 342 7.14 12.82 34.71
CA SER B 342 6.48 13.49 33.60
C SER B 342 7.15 13.16 32.32
N GLY B 343 7.95 12.09 32.33
CA GLY B 343 8.67 11.71 31.13
C GLY B 343 9.80 12.68 30.89
N PHE B 344 10.10 12.95 29.64
CA PHE B 344 11.17 13.87 29.34
C PHE B 344 10.92 15.33 29.71
N GLY B 345 9.66 15.77 29.77
CA GLY B 345 9.44 17.17 30.11
C GLY B 345 7.98 17.58 30.14
N THR B 346 7.74 18.78 30.67
CA THR B 346 6.40 19.33 30.80
C THR B 346 6.44 20.74 31.36
#